data_8A90
#
_entry.id   8A90
#
_cell.length_a   117.715
_cell.length_b   117.715
_cell.length_c   234.261
_cell.angle_alpha   90.000
_cell.angle_beta   90.000
_cell.angle_gamma   90.000
#
_symmetry.space_group_name_H-M   'P 41 21 2'
#
loop_
_entity.id
_entity.type
_entity.pdbx_description
1 polymer 'Non-heme diiron monooxygenase'
2 non-polymer 'ACETATE ION'
3 non-polymer GLYCEROL
4 non-polymer 'OXYGEN ATOM'
5 non-polymer 'FE (III) ION'
6 water water
#
_entity_poly.entity_id   1
_entity_poly.type   'polypeptide(L)'
_entity_poly.pdbx_seq_one_letter_code
;MTVSDNVFLRSHTKIEPLIMRWYAWAHLVSPAQHALNIAFRHLPMLKSFVASPAVHEAASSNPEMLGGPFLELKKSDAAA
VKALWQQTQQQAGRQIAFAEALLELDRRLQQSETGLSLDHIYAELPEPLQGLVEVSYDLHNHPSLRLIEELLYLEDWVDG
AGQEIAFSLDKEEERAFFMNTPRVDAPGRMVVPLPFADARFDLLSASRLSSVSFSQLADALEIPEDQRPAFREYFTTSAP
QRNEPEYEGDGVRVRYFGHACVLVQTAEVSVLVDPFLTWDHQPEQGRLTFYDLPDHIDYVFLTHNHQDHFSCEALLQLRG
RIGHILVPRNNGNNFADPSMKLTLKRLGFDNVIVMDEMADITLPDGRLVSLPSYGEHSDLSITSKHGLYLSLKGRSFMFL
ADSDAKDRVLYRRIIKQVGKVDNLFIGMECDGAPLTWLYGPYLSNPIGRREDESRRLSGSDCERAWRIVEECGCSQALVY
AMGQESWFRFVVGLEYTPDKKQIVESDKFVDRCRQAGMAAQRLHGCQTMLL
;
_entity_poly.pdbx_strand_id   A,B
#
# COMPACT_ATOMS: atom_id res chain seq x y z
N SER A 4 15.74 -11.85 47.86
CA SER A 4 14.47 -12.53 47.62
C SER A 4 13.35 -11.52 47.40
N ASP A 5 13.44 -10.77 46.31
CA ASP A 5 12.44 -9.74 46.02
C ASP A 5 11.76 -10.09 44.72
N ASN A 6 11.19 -11.29 44.64
CA ASN A 6 10.46 -11.72 43.46
C ASN A 6 9.00 -11.31 43.58
N VAL A 7 8.55 -10.45 42.66
CA VAL A 7 7.25 -9.81 42.77
C VAL A 7 6.58 -9.85 41.40
N PHE A 8 5.27 -9.92 41.41
CA PHE A 8 4.46 -9.72 40.21
C PHE A 8 3.85 -8.33 40.25
N LEU A 9 3.34 -7.89 39.11
CA LEU A 9 2.47 -6.72 39.11
C LEU A 9 1.15 -7.09 39.76
N ARG A 10 0.63 -6.19 40.58
CA ARG A 10 -0.72 -6.41 41.12
C ARG A 10 -1.70 -6.50 39.97
N SER A 11 -2.64 -7.45 40.07
CA SER A 11 -3.52 -7.74 38.94
C SER A 11 -4.24 -6.50 38.44
N HIS A 12 -4.59 -5.59 39.34
CA HIS A 12 -5.32 -4.38 38.98
C HIS A 12 -4.41 -3.16 38.84
N THR A 13 -3.09 -3.36 38.79
CA THR A 13 -2.19 -2.26 38.48
C THR A 13 -2.29 -1.95 36.99
N LYS A 14 -2.59 -0.69 36.66
CA LYS A 14 -2.70 -0.27 35.28
C LYS A 14 -1.42 0.42 34.85
N ILE A 15 -0.93 0.05 33.67
CA ILE A 15 0.25 0.68 33.11
C ILE A 15 -0.24 1.57 31.96
N GLU A 16 -0.49 2.84 32.28
CA GLU A 16 -1.06 3.77 31.32
C GLU A 16 0.06 4.46 30.55
N PRO A 17 0.22 4.20 29.26
CA PRO A 17 1.27 4.88 28.49
C PRO A 17 0.88 6.30 28.13
N LEU A 18 1.82 7.22 28.32
CA LEU A 18 1.58 8.65 28.12
C LEU A 18 2.64 9.25 27.21
N ILE A 19 2.20 10.05 26.25
CA ILE A 19 3.08 10.86 25.42
C ILE A 19 2.84 12.31 25.80
N MET A 20 3.75 12.88 26.58
CA MET A 20 3.61 14.24 27.12
C MET A 20 2.32 14.35 27.93
N ARG A 21 2.10 13.35 28.79
CA ARG A 21 0.99 13.22 29.73
C ARG A 21 -0.35 12.95 29.07
N TRP A 22 -0.43 12.93 27.75
CA TRP A 22 -1.64 12.53 27.05
C TRP A 22 -1.65 11.02 26.87
N TYR A 23 -2.82 10.42 27.10
CA TYR A 23 -2.95 8.98 26.92
C TYR A 23 -2.54 8.61 25.50
N ALA A 24 -1.66 7.62 25.38
CA ALA A 24 -1.08 7.26 24.11
C ALA A 24 -2.09 6.44 23.30
N TRP A 25 -2.65 7.05 22.26
CA TRP A 25 -3.38 6.32 21.23
C TRP A 25 -2.61 6.45 19.92
N ALA A 26 -3.12 5.77 18.89
CA ALA A 26 -2.32 5.49 17.69
C ALA A 26 -1.77 6.75 17.04
N HIS A 27 -2.58 7.80 16.93
CA HIS A 27 -2.15 8.98 16.18
C HIS A 27 -1.11 9.81 16.92
N LEU A 28 -1.01 9.66 18.24
CA LEU A 28 0.07 10.29 18.98
C LEU A 28 1.40 9.53 18.82
N VAL A 29 1.35 8.31 18.31
CA VAL A 29 2.55 7.50 18.10
C VAL A 29 3.14 7.73 16.72
N SER A 30 2.30 7.86 15.69
CA SER A 30 2.79 8.21 14.37
C SER A 30 3.18 9.69 14.35
N PRO A 31 4.38 10.03 13.85
CA PRO A 31 4.90 11.39 14.11
C PRO A 31 4.12 12.49 13.43
N ALA A 32 3.69 12.30 12.17
CA ALA A 32 2.99 13.37 11.47
C ALA A 32 1.70 13.74 12.17
N GLN A 33 0.88 12.73 12.48
CA GLN A 33 -0.37 12.99 13.19
C GLN A 33 -0.12 13.48 14.61
N HIS A 34 0.95 13.02 15.24
CA HIS A 34 1.28 13.49 16.58
C HIS A 34 1.56 14.99 16.58
N ALA A 35 2.37 15.46 15.63
CA ALA A 35 2.65 16.88 15.52
C ALA A 35 1.36 17.66 15.29
N LEU A 36 0.51 17.18 14.37
CA LEU A 36 -0.76 17.84 14.11
C LEU A 36 -1.64 17.86 15.34
N ASN A 37 -1.53 16.84 16.20
CA ASN A 37 -2.35 16.79 17.40
C ASN A 37 -1.78 17.64 18.52
N ILE A 38 -0.45 17.73 18.62
CA ILE A 38 0.16 18.63 19.61
C ILE A 38 -0.25 20.07 19.33
N ALA A 39 -0.08 20.51 18.09
CA ALA A 39 -0.23 21.92 17.77
C ALA A 39 -1.70 22.33 17.68
N PHE A 40 -2.55 21.48 17.10
CA PHE A 40 -3.92 21.86 16.77
C PHE A 40 -4.97 21.13 17.60
N ARG A 41 -4.56 20.40 18.64
CA ARG A 41 -5.54 19.82 19.55
C ARG A 41 -5.11 20.04 21.00
N HIS A 42 -3.89 19.65 21.33
CA HIS A 42 -3.42 19.70 22.72
C HIS A 42 -3.15 21.13 23.17
N LEU A 43 -2.35 21.87 22.42
CA LEU A 43 -2.10 23.26 22.78
C LEU A 43 -3.37 24.11 22.85
N PRO A 44 -4.31 24.03 21.91
CA PRO A 44 -5.55 24.81 22.06
C PRO A 44 -6.35 24.43 23.31
N MET A 45 -6.48 23.14 23.60
CA MET A 45 -7.24 22.73 24.78
C MET A 45 -6.53 23.14 26.07
N LEU A 46 -5.21 23.02 26.10
CA LEU A 46 -4.45 23.42 27.28
C LEU A 46 -4.51 24.93 27.49
N LYS A 47 -4.32 25.70 26.41
CA LYS A 47 -4.41 27.16 26.50
C LYS A 47 -5.83 27.60 26.84
N SER A 48 -6.83 26.95 26.24
CA SER A 48 -8.22 27.29 26.56
C SER A 48 -8.56 26.95 28.01
N PHE A 49 -7.91 25.94 28.58
CA PHE A 49 -8.14 25.61 29.98
C PHE A 49 -7.55 26.69 30.89
N VAL A 50 -6.33 27.14 30.59
CA VAL A 50 -5.68 28.17 31.40
C VAL A 50 -6.49 29.45 31.44
N ALA A 51 -7.28 29.71 30.39
CA ALA A 51 -7.99 30.99 30.33
C ALA A 51 -9.23 30.97 31.22
N SER A 52 -9.79 29.79 31.48
CA SER A 52 -11.00 29.67 32.27
C SER A 52 -11.25 28.20 32.57
N PRO A 53 -10.61 27.64 33.60
CA PRO A 53 -10.88 26.24 33.96
C PRO A 53 -12.34 25.96 34.25
N ALA A 54 -13.11 26.97 34.68
CA ALA A 54 -14.52 26.75 34.97
C ALA A 54 -15.28 26.31 33.73
N VAL A 55 -14.93 26.88 32.57
CA VAL A 55 -15.60 26.53 31.31
C VAL A 55 -15.51 25.02 31.05
N HIS A 56 -14.34 24.44 31.31
CA HIS A 56 -14.13 23.03 30.98
C HIS A 56 -14.84 22.10 31.97
N GLU A 57 -14.90 22.46 33.25
CA GLU A 57 -15.68 21.66 34.17
C GLU A 57 -17.17 21.73 33.85
N ALA A 58 -17.63 22.89 33.35
CA ALA A 58 -19.04 23.02 33.01
C ALA A 58 -19.41 22.15 31.82
N ALA A 59 -18.53 22.05 30.83
CA ALA A 59 -18.80 21.17 29.70
C ALA A 59 -18.62 19.72 30.10
N SER A 60 -17.64 19.43 30.95
CA SER A 60 -17.45 18.07 31.44
C SER A 60 -18.52 17.65 32.44
N SER A 61 -19.24 18.61 33.03
CA SER A 61 -20.32 18.25 33.92
C SER A 61 -21.55 17.78 33.16
N ASN A 62 -21.86 18.42 32.04
CA ASN A 62 -22.94 17.98 31.18
C ASN A 62 -22.54 16.67 30.52
N PRO A 63 -23.11 15.52 30.94
CA PRO A 63 -22.61 14.23 30.44
C PRO A 63 -22.86 13.97 28.96
N GLU A 64 -23.76 14.73 28.32
CA GLU A 64 -24.03 14.46 26.90
C GLU A 64 -22.82 14.78 26.04
N MET A 65 -22.17 15.91 26.28
CA MET A 65 -20.95 16.28 25.55
C MET A 65 -19.73 15.86 26.37
N LEU A 66 -19.57 14.53 26.51
CA LEU A 66 -18.50 13.99 27.34
C LEU A 66 -17.15 13.99 26.61
N GLY A 67 -17.15 13.76 25.31
CA GLY A 67 -15.95 13.68 24.52
C GLY A 67 -15.52 14.98 23.88
N GLY A 68 -16.27 16.06 24.07
CA GLY A 68 -15.97 17.35 23.48
C GLY A 68 -14.60 17.88 23.86
N PRO A 69 -14.16 18.95 23.18
CA PRO A 69 -12.79 19.45 23.31
C PRO A 69 -12.49 20.22 24.61
N PHE A 70 -12.82 19.61 25.75
CA PHE A 70 -12.64 20.25 27.04
C PHE A 70 -12.03 19.26 28.02
N LEU A 71 -11.10 19.76 28.84
CA LEU A 71 -10.43 18.91 29.82
C LEU A 71 -11.39 18.53 30.94
N GLU A 72 -11.30 17.26 31.37
CA GLU A 72 -12.04 16.78 32.52
C GLU A 72 -11.34 17.09 33.83
N LEU A 73 -10.43 18.05 33.81
CA LEU A 73 -9.69 18.50 34.98
C LEU A 73 -10.47 19.58 35.71
N LYS A 74 -10.02 19.91 36.91
CA LYS A 74 -10.69 20.87 37.75
C LYS A 74 -9.80 22.08 37.98
N LYS A 75 -10.38 23.13 38.56
CA LYS A 75 -9.69 24.41 38.69
C LYS A 75 -8.40 24.28 39.50
N SER A 76 -8.32 23.28 40.39
CA SER A 76 -7.13 23.11 41.21
C SER A 76 -5.93 22.73 40.36
N ASP A 77 -6.14 22.03 39.26
CA ASP A 77 -5.07 21.58 38.38
C ASP A 77 -4.61 22.66 37.40
N ALA A 78 -4.99 23.92 37.61
CA ALA A 78 -4.63 24.98 36.68
C ALA A 78 -3.12 25.15 36.58
N ALA A 79 -2.42 25.07 37.70
CA ALA A 79 -0.96 25.19 37.67
C ALA A 79 -0.33 24.08 36.85
N ALA A 80 -0.84 22.85 36.99
CA ALA A 80 -0.28 21.73 36.24
C ALA A 80 -0.55 21.87 34.74
N VAL A 81 -1.75 22.32 34.37
CA VAL A 81 -2.09 22.42 32.96
C VAL A 81 -1.24 23.48 32.27
N LYS A 82 -1.10 24.66 32.90
CA LYS A 82 -0.29 25.72 32.32
C LYS A 82 1.16 25.29 32.18
N ALA A 83 1.66 24.55 33.17
CA ALA A 83 3.04 24.06 33.11
C ALA A 83 3.21 23.08 31.96
N LEU A 84 2.31 22.09 31.85
CA LEU A 84 2.38 21.14 30.75
C LEU A 84 2.24 21.83 29.41
N TRP A 85 1.40 22.87 29.35
CA TRP A 85 1.22 23.63 28.13
C TRP A 85 2.51 24.34 27.73
N GLN A 86 3.25 24.88 28.70
CA GLN A 86 4.54 25.50 28.41
C GLN A 86 5.62 24.44 28.16
N GLN A 87 5.55 23.32 28.87
CA GLN A 87 6.49 22.23 28.60
C GLN A 87 6.33 21.72 27.19
N THR A 88 5.08 21.55 26.75
CA THR A 88 4.82 21.07 25.41
C THR A 88 5.28 22.07 24.35
N GLN A 89 5.26 23.37 24.67
CA GLN A 89 5.74 24.37 23.73
C GLN A 89 7.24 24.24 23.47
N GLN A 90 8.03 24.09 24.53
CA GLN A 90 9.48 23.96 24.37
C GLN A 90 9.90 22.55 23.96
N GLN A 91 9.25 21.52 24.52
CA GLN A 91 9.67 20.16 24.23
C GLN A 91 9.39 19.80 22.77
N ALA A 92 8.21 20.17 22.27
CA ALA A 92 7.76 19.81 20.94
C ALA A 92 7.90 20.95 19.93
N GLY A 93 8.92 21.79 20.09
CA GLY A 93 9.10 22.91 19.17
C GLY A 93 9.21 22.47 17.71
N ARG A 94 9.97 21.41 17.46
CA ARG A 94 10.09 20.91 16.09
C ARG A 94 8.76 20.33 15.59
N GLN A 95 7.98 19.71 16.49
CA GLN A 95 6.68 19.16 16.10
C GLN A 95 5.74 20.26 15.64
N ILE A 96 5.60 21.32 16.43
CA ILE A 96 4.69 22.39 16.09
C ILE A 96 5.14 23.10 14.81
N ALA A 97 6.45 23.20 14.60
CA ALA A 97 6.94 23.79 13.35
C ALA A 97 6.61 22.90 12.16
N PHE A 98 6.69 21.58 12.34
CA PHE A 98 6.32 20.66 11.26
C PHE A 98 4.83 20.73 10.95
N ALA A 99 4.00 20.67 11.99
CA ALA A 99 2.55 20.69 11.77
C ALA A 99 2.11 21.99 11.11
N GLU A 100 2.63 23.13 11.60
CA GLU A 100 2.28 24.42 11.02
C GLU A 100 2.76 24.52 9.58
N ALA A 101 3.98 24.04 9.31
CA ALA A 101 4.50 24.10 7.95
C ALA A 101 3.75 23.14 7.03
N LEU A 102 3.39 21.96 7.54
CA LEU A 102 2.70 20.97 6.72
C LEU A 102 1.33 21.47 6.30
N LEU A 103 0.55 21.98 7.25
CA LEU A 103 -0.79 22.48 6.93
C LEU A 103 -0.71 23.72 6.06
N GLU A 104 0.24 24.62 6.33
CA GLU A 104 0.37 25.83 5.52
C GLU A 104 0.69 25.48 4.08
N LEU A 105 1.53 24.47 3.86
CA LEU A 105 1.76 23.98 2.51
C LEU A 105 0.45 23.50 1.89
N ASP A 106 -0.32 22.72 2.64
CA ASP A 106 -1.56 22.15 2.12
C ASP A 106 -2.56 23.24 1.71
N ARG A 107 -2.67 24.33 2.49
CA ARG A 107 -3.55 25.42 2.07
C ARG A 107 -3.05 26.08 0.79
N ARG A 108 -1.74 26.27 0.69
CA ARG A 108 -1.19 26.96 -0.48
C ARG A 108 -1.51 26.19 -1.76
N LEU A 109 -1.34 24.87 -1.73
CA LEU A 109 -1.53 24.08 -2.94
C LEU A 109 -2.98 24.09 -3.40
N GLN A 110 -3.92 24.07 -2.46
CA GLN A 110 -5.33 24.11 -2.84
C GLN A 110 -5.66 25.41 -3.56
N GLN A 111 -5.05 26.52 -3.14
CA GLN A 111 -5.37 27.81 -3.72
C GLN A 111 -4.62 28.05 -5.02
N SER A 112 -3.38 27.58 -5.12
CA SER A 112 -2.47 28.01 -6.18
C SER A 112 -2.24 26.96 -7.25
N GLU A 113 -2.25 25.67 -6.92
CA GLU A 113 -1.96 24.61 -7.87
C GLU A 113 -3.26 24.17 -8.51
N THR A 114 -3.42 24.47 -9.80
CA THR A 114 -4.68 24.25 -10.50
C THR A 114 -4.56 23.31 -11.69
N GLY A 115 -3.39 22.74 -11.93
CA GLY A 115 -3.25 21.80 -13.03
C GLY A 115 -1.92 21.87 -13.75
N LEU A 116 -1.15 22.92 -13.50
CA LEU A 116 0.18 23.07 -14.08
C LEU A 116 1.21 22.28 -13.26
N SER A 117 2.45 22.28 -13.75
CA SER A 117 3.53 21.53 -13.12
C SER A 117 3.75 21.97 -11.68
N LEU A 118 4.11 21.01 -10.84
CA LEU A 118 4.41 21.24 -9.43
C LEU A 118 5.89 21.25 -9.12
N ASP A 119 6.75 21.27 -10.15
CA ASP A 119 8.18 21.16 -9.91
C ASP A 119 8.72 22.33 -9.09
N HIS A 120 8.12 23.52 -9.24
CA HIS A 120 8.59 24.69 -8.52
C HIS A 120 8.40 24.57 -7.01
N ILE A 121 7.46 23.74 -6.56
CA ILE A 121 7.12 23.70 -5.14
C ILE A 121 8.29 23.20 -4.31
N TYR A 122 9.05 22.23 -4.83
CA TYR A 122 10.11 21.62 -4.04
C TYR A 122 11.21 22.63 -3.72
N ALA A 123 11.40 23.64 -4.56
CA ALA A 123 12.39 24.67 -4.26
C ALA A 123 11.96 25.52 -3.08
N GLU A 124 10.66 25.76 -2.91
CA GLU A 124 10.15 26.62 -1.86
C GLU A 124 9.63 25.83 -0.66
N LEU A 125 10.07 24.60 -0.48
CA LEU A 125 9.62 23.80 0.64
C LEU A 125 10.27 24.32 1.93
N PRO A 126 9.49 24.56 2.98
CA PRO A 126 10.10 24.91 4.27
C PRO A 126 10.99 23.79 4.77
N GLU A 127 11.96 24.15 5.61
CA GLU A 127 12.94 23.18 6.08
C GLU A 127 12.32 21.96 6.76
N PRO A 128 11.27 22.06 7.58
CA PRO A 128 10.69 20.83 8.17
C PRO A 128 10.11 19.86 7.13
N LEU A 129 9.80 20.32 5.92
CA LEU A 129 9.18 19.48 4.93
C LEU A 129 10.12 19.09 3.80
N GLN A 130 11.32 19.66 3.75
CA GLN A 130 12.25 19.40 2.66
C GLN A 130 12.65 17.92 2.65
N GLY A 131 12.53 17.29 1.48
CA GLY A 131 12.89 15.88 1.35
C GLY A 131 11.93 14.91 1.99
N LEU A 132 10.79 15.39 2.50
CA LEU A 132 9.85 14.55 3.22
C LEU A 132 8.46 14.48 2.60
N VAL A 133 8.14 15.35 1.65
CA VAL A 133 6.80 15.42 1.08
C VAL A 133 6.88 15.40 -0.44
N GLU A 134 5.97 14.66 -1.07
CA GLU A 134 5.79 14.67 -2.51
C GLU A 134 4.46 15.30 -2.85
N VAL A 135 4.49 16.27 -3.76
CA VAL A 135 3.29 16.96 -4.22
C VAL A 135 2.82 16.30 -5.51
N SER A 136 1.52 16.04 -5.62
CA SER A 136 0.98 15.36 -6.78
C SER A 136 -0.47 15.80 -7.00
N TYR A 137 -1.00 15.42 -8.15
CA TYR A 137 -2.38 15.69 -8.54
C TYR A 137 -3.17 14.39 -8.59
N ASP A 138 -4.49 14.52 -8.41
CA ASP A 138 -5.38 13.45 -8.82
C ASP A 138 -5.71 13.64 -10.30
N LEU A 139 -6.66 12.88 -10.83
CA LEU A 139 -7.02 13.00 -12.22
C LEU A 139 -7.87 14.24 -12.53
N HIS A 140 -8.02 15.15 -11.55
CA HIS A 140 -8.83 16.36 -11.74
C HIS A 140 -8.11 17.59 -11.21
N ASN A 141 -6.78 17.58 -11.23
CA ASN A 141 -5.95 18.76 -10.92
C ASN A 141 -6.09 19.22 -9.48
N HIS A 142 -6.47 18.32 -8.57
CA HIS A 142 -6.48 18.65 -7.15
C HIS A 142 -5.18 18.18 -6.51
N PRO A 143 -4.41 19.05 -5.87
CA PRO A 143 -3.15 18.61 -5.28
C PRO A 143 -3.38 17.86 -3.98
N SER A 144 -2.51 16.88 -3.75
CA SER A 144 -2.48 16.15 -2.49
C SER A 144 -1.03 16.08 -2.01
N LEU A 145 -0.86 16.02 -0.70
CA LEU A 145 0.46 15.95 -0.09
C LEU A 145 0.70 14.53 0.39
N ARG A 146 1.79 13.93 -0.09
CA ARG A 146 2.17 12.57 0.29
C ARG A 146 3.43 12.62 1.13
N LEU A 147 3.30 12.28 2.40
CA LEU A 147 4.45 12.22 3.30
C LEU A 147 5.23 10.94 3.11
N ILE A 148 6.54 11.06 2.96
CA ILE A 148 7.43 9.91 2.93
C ILE A 148 7.67 9.51 4.39
N GLU A 149 6.74 8.73 4.94
CA GLU A 149 6.75 8.45 6.38
C GLU A 149 8.02 7.72 6.82
N GLU A 150 8.52 6.81 5.99
CA GLU A 150 9.70 6.05 6.38
C GLU A 150 10.89 6.97 6.62
N LEU A 151 10.99 8.06 5.86
CA LEU A 151 12.06 9.03 6.11
C LEU A 151 11.71 9.92 7.29
N LEU A 152 10.42 10.21 7.49
CA LEU A 152 10.01 11.03 8.62
C LEU A 152 10.29 10.33 9.95
N TYR A 153 10.11 9.00 9.99
CA TYR A 153 10.36 8.25 11.21
C TYR A 153 11.83 8.26 11.62
N LEU A 154 12.73 8.63 10.71
CA LEU A 154 14.16 8.74 11.01
C LEU A 154 14.57 10.19 11.28
N GLU A 155 13.63 11.11 11.31
CA GLU A 155 13.95 12.49 11.68
C GLU A 155 14.34 12.55 13.16
N ASP A 156 15.15 13.56 13.50
CA ASP A 156 15.75 13.61 14.83
C ASP A 156 14.70 13.85 15.92
N TRP A 157 13.61 14.54 15.60
CA TRP A 157 12.56 14.78 16.60
C TRP A 157 11.61 13.61 16.76
N VAL A 158 11.83 12.51 16.04
CA VAL A 158 11.06 11.29 16.23
C VAL A 158 11.90 10.44 17.19
N ASP A 159 11.70 10.67 18.48
CA ASP A 159 12.47 9.99 19.52
C ASP A 159 11.52 9.54 20.62
N GLY A 160 12.09 8.96 21.68
CA GLY A 160 11.35 8.51 22.83
C GLY A 160 11.03 9.60 23.83
N ALA A 161 11.35 10.85 23.51
CA ALA A 161 11.09 11.95 24.42
C ALA A 161 9.60 12.14 24.62
N GLY A 162 9.20 12.36 25.87
CA GLY A 162 7.81 12.52 26.23
C GLY A 162 7.09 11.22 26.54
N GLN A 163 7.66 10.08 26.16
CA GLN A 163 7.04 8.79 26.42
C GLN A 163 7.28 8.41 27.88
N GLU A 164 6.20 8.22 28.62
CA GLU A 164 6.25 7.85 30.02
C GLU A 164 5.25 6.74 30.26
N ILE A 165 5.16 6.31 31.52
CA ILE A 165 4.19 5.30 31.94
C ILE A 165 3.60 5.73 33.28
N ALA A 166 2.28 5.63 33.41
CA ALA A 166 1.57 6.05 34.60
C ALA A 166 1.08 4.81 35.34
N PHE A 167 1.78 4.45 36.41
CA PHE A 167 1.33 3.37 37.27
C PHE A 167 0.16 3.85 38.11
N SER A 168 -0.92 3.07 38.12
CA SER A 168 -2.08 3.42 38.92
C SER A 168 -2.81 2.17 39.36
N LEU A 169 -3.43 2.26 40.53
CA LEU A 169 -4.23 1.18 41.09
C LEU A 169 -5.73 1.48 41.03
N ASP A 170 -6.11 2.65 40.52
CA ASP A 170 -7.52 3.02 40.48
C ASP A 170 -8.28 2.13 39.50
N LYS A 171 -9.58 1.99 39.73
CA LYS A 171 -10.40 1.20 38.84
C LYS A 171 -10.49 1.90 37.48
N GLU A 172 -10.70 1.11 36.42
CA GLU A 172 -10.67 1.65 35.07
C GLU A 172 -11.78 2.66 34.82
N GLU A 173 -12.91 2.52 35.51
CA GLU A 173 -13.99 3.48 35.40
C GLU A 173 -13.58 4.88 35.87
N GLU A 174 -12.47 4.98 36.61
CA GLU A 174 -11.96 6.26 37.08
C GLU A 174 -11.08 6.97 36.05
N ARG A 175 -10.67 6.29 34.99
CA ARG A 175 -9.82 6.92 33.98
C ARG A 175 -10.50 8.12 33.35
N ALA A 176 -9.74 9.19 33.16
CA ALA A 176 -10.23 10.34 32.42
C ALA A 176 -10.25 10.02 30.93
N PHE A 177 -11.07 10.78 30.20
CA PHE A 177 -11.19 10.58 28.76
C PHE A 177 -9.83 10.69 28.07
N PHE A 178 -9.61 9.83 27.09
CA PHE A 178 -8.27 9.65 26.54
C PHE A 178 -7.82 10.87 25.74
N MET A 179 -8.74 11.46 24.98
CA MET A 179 -8.42 12.62 24.16
C MET A 179 -8.74 13.94 24.84
N ASN A 180 -9.47 13.91 25.95
CA ASN A 180 -9.81 15.13 26.67
C ASN A 180 -8.70 15.58 27.59
N THR A 181 -8.19 14.68 28.40
CA THR A 181 -7.53 15.03 29.63
C THR A 181 -6.12 14.46 29.68
N PRO A 182 -5.10 15.29 29.92
CA PRO A 182 -3.76 14.76 30.13
C PRO A 182 -3.66 14.17 31.53
N ARG A 183 -2.76 13.19 31.67
CA ARG A 183 -2.54 12.53 32.95
C ARG A 183 -1.50 13.34 33.72
N VAL A 184 -1.97 14.39 34.39
CA VAL A 184 -1.12 15.23 35.22
C VAL A 184 -0.82 14.48 36.51
N ASP A 185 0.15 14.99 37.28
CA ASP A 185 0.53 14.37 38.53
C ASP A 185 -0.68 14.31 39.46
N ALA A 186 -0.86 13.16 40.10
CA ALA A 186 -2.01 12.93 40.97
C ALA A 186 -1.61 11.92 42.02
N PRO A 187 -2.31 11.88 43.15
CA PRO A 187 -2.02 10.84 44.15
C PRO A 187 -2.40 9.46 43.61
N GLY A 188 -1.62 8.47 44.02
CA GLY A 188 -1.83 7.12 43.52
C GLY A 188 -1.39 6.90 42.09
N ARG A 189 -0.94 7.94 41.40
CA ARG A 189 -0.45 7.85 40.03
C ARG A 189 1.03 8.20 40.03
N MET A 190 1.87 7.24 39.67
CA MET A 190 3.32 7.43 39.62
C MET A 190 3.77 7.34 38.17
N VAL A 191 4.24 8.46 37.63
CA VAL A 191 4.66 8.55 36.24
C VAL A 191 6.17 8.31 36.17
N VAL A 192 6.59 7.34 35.36
CA VAL A 192 7.98 6.96 35.21
C VAL A 192 8.39 7.22 33.77
N PRO A 193 9.44 7.98 33.51
CA PRO A 193 9.90 8.15 32.12
C PRO A 193 10.47 6.85 31.60
N LEU A 194 9.93 6.40 30.46
CA LEU A 194 10.38 5.16 29.86
C LEU A 194 9.95 5.10 28.39
N PRO A 195 10.90 5.09 27.46
CA PRO A 195 10.51 4.95 26.04
C PRO A 195 9.79 3.63 25.81
N PHE A 196 8.80 3.68 24.93
CA PHE A 196 7.90 2.53 24.76
C PHE A 196 8.63 1.34 24.14
N ALA A 197 9.50 1.59 23.17
CA ALA A 197 10.25 0.53 22.50
C ALA A 197 11.46 0.07 23.29
N ASP A 198 11.64 0.57 24.51
CA ASP A 198 12.80 0.21 25.32
C ASP A 198 12.71 -1.23 25.80
N ALA A 199 13.88 -1.88 25.88
CA ALA A 199 13.94 -3.24 26.41
C ALA A 199 13.47 -3.28 27.86
N ARG A 200 13.66 -2.20 28.61
CA ARG A 200 13.19 -2.15 30.00
C ARG A 200 11.68 -2.39 30.08
N PHE A 201 10.93 -1.93 29.07
CA PHE A 201 9.49 -2.19 29.04
C PHE A 201 9.21 -3.69 28.99
N ASP A 202 10.02 -4.43 28.21
CA ASP A 202 9.85 -5.88 28.14
C ASP A 202 10.05 -6.52 29.51
N LEU A 203 10.99 -5.98 30.29
CA LEU A 203 11.17 -6.45 31.66
C LEU A 203 9.96 -6.11 32.51
N LEU A 204 9.35 -4.95 32.26
CA LEU A 204 8.13 -4.58 32.99
C LEU A 204 6.96 -5.46 32.60
N SER A 205 6.82 -5.76 31.31
CA SER A 205 5.73 -6.63 30.85
C SER A 205 5.89 -8.05 31.38
N ALA A 206 7.13 -8.47 31.66
CA ALA A 206 7.36 -9.82 32.17
C ALA A 206 6.76 -10.01 33.56
N SER A 207 6.72 -8.96 34.38
CA SER A 207 6.18 -9.05 35.73
C SER A 207 4.66 -9.21 35.76
N ARG A 208 3.98 -9.19 34.61
CA ARG A 208 2.54 -9.45 34.61
C ARG A 208 2.26 -10.92 34.91
N LEU A 209 2.98 -11.83 34.25
CA LEU A 209 2.74 -13.26 34.39
C LEU A 209 3.92 -14.03 34.97
N SER A 210 5.10 -13.43 35.03
CA SER A 210 6.31 -14.10 35.52
C SER A 210 6.91 -13.30 36.66
N SER A 211 7.50 -14.01 37.62
CA SER A 211 8.08 -13.34 38.77
C SER A 211 9.34 -12.60 38.36
N VAL A 212 9.50 -11.37 38.85
CA VAL A 212 10.62 -10.52 38.51
C VAL A 212 11.17 -9.90 39.79
N SER A 213 12.50 -9.72 39.81
CA SER A 213 13.15 -9.07 40.95
C SER A 213 12.74 -7.61 41.03
N PHE A 214 12.17 -7.21 42.17
CA PHE A 214 11.69 -5.84 42.33
C PHE A 214 12.83 -4.83 42.22
N SER A 215 13.92 -5.06 42.97
CA SER A 215 15.04 -4.12 42.97
C SER A 215 15.66 -4.02 41.59
N GLN A 216 15.78 -5.14 40.88
CA GLN A 216 16.31 -5.10 39.51
C GLN A 216 15.39 -4.29 38.60
N LEU A 217 14.08 -4.49 38.74
CA LEU A 217 13.13 -3.76 37.91
C LEU A 217 13.12 -2.28 38.28
N ALA A 218 13.12 -1.96 39.57
CA ALA A 218 13.17 -0.56 39.99
C ALA A 218 14.48 0.09 39.60
N ASP A 219 15.57 -0.67 39.59
CA ASP A 219 16.86 -0.13 39.12
C ASP A 219 16.81 0.15 37.62
N ALA A 220 16.23 -0.78 36.85
CA ALA A 220 16.11 -0.57 35.41
C ALA A 220 15.24 0.64 35.12
N LEU A 221 14.13 0.79 35.85
CA LEU A 221 13.18 1.87 35.68
C LEU A 221 13.61 3.18 36.31
N GLU A 222 14.84 3.31 36.77
CA GLU A 222 15.38 4.62 37.14
C GLU A 222 14.57 5.25 38.27
N ILE A 223 14.02 4.40 39.14
CA ILE A 223 13.16 4.78 40.27
C ILE A 223 13.97 5.25 41.47
N PRO A 224 13.85 6.51 41.89
CA PRO A 224 14.57 6.97 43.08
C PRO A 224 14.20 6.16 44.32
N GLU A 225 15.21 5.82 45.12
CA GLU A 225 14.97 4.96 46.28
C GLU A 225 14.03 5.59 47.30
N ASP A 226 13.92 6.91 47.32
CA ASP A 226 12.91 7.55 48.16
C ASP A 226 11.50 7.24 47.66
N GLN A 227 11.35 7.09 46.34
CA GLN A 227 10.05 6.81 45.73
C GLN A 227 9.75 5.32 45.63
N ARG A 228 10.69 4.45 46.00
CA ARG A 228 10.54 3.02 45.80
C ARG A 228 9.53 2.38 46.75
N PRO A 229 9.43 2.79 48.01
CA PRO A 229 8.31 2.29 48.83
C PRO A 229 6.95 2.53 48.21
N ALA A 230 6.74 3.68 47.57
CA ALA A 230 5.47 3.93 46.90
C ALA A 230 5.35 3.11 45.62
N PHE A 231 6.48 2.87 44.94
CA PHE A 231 6.46 2.06 43.73
C PHE A 231 6.18 0.60 44.03
N ARG A 232 6.59 0.12 45.21
CA ARG A 232 6.33 -1.27 45.59
C ARG A 232 4.84 -1.53 45.78
N GLU A 233 4.02 -0.48 45.95
CA GLU A 233 2.60 -0.67 46.15
C GLU A 233 1.93 -1.27 44.92
N TYR A 234 2.53 -1.07 43.74
CA TYR A 234 1.98 -1.58 42.50
C TYR A 234 2.40 -3.02 42.22
N PHE A 235 3.08 -3.66 43.17
CA PHE A 235 3.60 -5.00 42.99
C PHE A 235 3.20 -5.87 44.18
N THR A 236 3.13 -7.17 43.93
CA THR A 236 2.71 -8.14 44.94
C THR A 236 3.53 -9.42 44.78
N THR A 237 3.70 -10.14 45.89
CA THR A 237 4.41 -11.42 45.85
C THR A 237 3.55 -12.52 45.24
N SER A 238 2.23 -12.43 45.38
CA SER A 238 1.35 -13.46 44.83
C SER A 238 1.26 -13.36 43.32
N ALA A 239 1.09 -14.52 42.68
CA ALA A 239 0.92 -14.59 41.24
C ALA A 239 -0.53 -14.26 40.86
N PRO A 240 -0.75 -13.72 39.67
CA PRO A 240 -2.11 -13.35 39.28
C PRO A 240 -2.96 -14.58 39.00
N GLN A 241 -4.26 -14.46 39.30
CA GLN A 241 -5.20 -15.52 39.00
C GLN A 241 -5.69 -15.37 37.57
N ARG A 242 -5.79 -16.50 36.88
CA ARG A 242 -6.14 -16.52 35.46
C ARG A 242 -7.28 -17.50 35.23
N ASN A 243 -8.27 -17.07 34.45
CA ASN A 243 -9.48 -17.86 34.21
C ASN A 243 -9.30 -18.62 32.90
N GLU A 244 -8.75 -19.84 33.02
CA GLU A 244 -8.57 -20.74 31.89
C GLU A 244 -7.89 -20.08 30.69
N PRO A 245 -6.66 -19.59 30.83
CA PRO A 245 -6.02 -18.90 29.70
C PRO A 245 -5.86 -19.80 28.49
N GLU A 246 -5.46 -21.05 28.69
CA GLU A 246 -5.28 -22.00 27.60
C GLU A 246 -6.60 -22.67 27.24
N TYR A 247 -6.57 -23.40 26.12
CA TYR A 247 -7.72 -24.18 25.67
C TYR A 247 -7.18 -25.41 24.95
N GLU A 248 -7.59 -26.59 25.42
CA GLU A 248 -7.08 -27.85 24.87
C GLU A 248 -8.19 -28.72 24.28
N GLY A 249 -9.34 -28.12 23.96
CA GLY A 249 -10.43 -28.89 23.36
C GLY A 249 -10.29 -29.00 21.85
N ASP A 250 -10.90 -30.06 21.30
CA ASP A 250 -10.87 -30.26 19.86
C ASP A 250 -11.82 -29.32 19.12
N GLY A 251 -12.57 -28.50 19.83
CA GLY A 251 -13.47 -27.54 19.21
C GLY A 251 -12.83 -26.19 19.00
N VAL A 252 -13.66 -25.16 18.97
CA VAL A 252 -13.22 -23.78 18.81
C VAL A 252 -13.84 -22.96 19.94
N ARG A 253 -12.99 -22.35 20.76
CA ARG A 253 -13.45 -21.49 21.84
C ARG A 253 -13.30 -20.04 21.44
N VAL A 254 -14.40 -19.29 21.54
CA VAL A 254 -14.38 -17.84 21.35
C VAL A 254 -14.68 -17.19 22.69
N ARG A 255 -13.91 -16.16 23.00
CA ARG A 255 -14.07 -15.41 24.23
C ARG A 255 -14.25 -13.96 23.87
N TYR A 256 -15.40 -13.38 24.23
CA TYR A 256 -15.67 -11.98 23.99
C TYR A 256 -15.21 -11.21 25.22
N PHE A 257 -14.16 -10.41 25.05
CA PHE A 257 -13.55 -9.70 26.16
C PHE A 257 -14.12 -8.31 26.36
N GLY A 258 -15.13 -7.95 25.57
CA GLY A 258 -15.75 -6.64 25.65
C GLY A 258 -15.57 -5.82 24.38
N HIS A 259 -16.58 -5.02 24.04
CA HIS A 259 -16.55 -4.15 22.87
C HIS A 259 -16.19 -4.95 21.62
N ALA A 260 -15.01 -4.69 21.06
CA ALA A 260 -14.57 -5.38 19.85
C ALA A 260 -13.47 -6.39 20.12
N CYS A 261 -13.11 -6.64 21.38
CA CYS A 261 -12.07 -7.61 21.70
C CYS A 261 -12.68 -9.00 21.81
N VAL A 262 -12.32 -9.88 20.89
CA VAL A 262 -12.78 -11.26 20.89
C VAL A 262 -11.60 -12.15 20.51
N LEU A 263 -11.36 -13.19 21.31
CA LEU A 263 -10.28 -14.14 21.08
C LEU A 263 -10.86 -15.45 20.57
N VAL A 264 -10.27 -15.97 19.50
CA VAL A 264 -10.65 -17.27 18.95
C VAL A 264 -9.48 -18.21 19.15
N GLN A 265 -9.77 -19.42 19.63
CA GLN A 265 -8.73 -20.34 20.10
C GLN A 265 -9.11 -21.77 19.75
N THR A 266 -8.23 -22.45 19.03
CA THR A 266 -8.19 -23.90 19.03
C THR A 266 -7.05 -24.34 19.95
N ALA A 267 -6.85 -25.65 20.04
CA ALA A 267 -5.72 -26.12 20.83
C ALA A 267 -4.38 -25.88 20.14
N GLU A 268 -4.39 -25.30 18.94
CA GLU A 268 -3.18 -25.14 18.14
C GLU A 268 -2.94 -23.73 17.63
N VAL A 269 -3.89 -22.82 17.80
CA VAL A 269 -3.72 -21.45 17.29
C VAL A 269 -4.60 -20.51 18.11
N SER A 270 -4.17 -19.26 18.20
CA SER A 270 -4.90 -18.22 18.90
C SER A 270 -4.95 -16.98 18.01
N VAL A 271 -6.15 -16.42 17.85
CA VAL A 271 -6.36 -15.22 17.06
C VAL A 271 -7.07 -14.20 17.93
N LEU A 272 -6.47 -13.01 18.08
CA LEU A 272 -7.01 -11.94 18.90
C LEU A 272 -7.43 -10.80 17.99
N VAL A 273 -8.69 -10.39 18.10
CA VAL A 273 -9.24 -9.31 17.29
C VAL A 273 -9.40 -8.08 18.17
N ASP A 274 -8.75 -6.98 17.76
CA ASP A 274 -8.87 -5.66 18.38
C ASP A 274 -8.70 -5.74 19.89
N PRO A 275 -7.51 -6.02 20.39
CA PRO A 275 -7.33 -6.21 21.85
C PRO A 275 -7.52 -4.93 22.65
N PHE A 276 -8.62 -4.87 23.41
CA PHE A 276 -8.85 -3.84 24.41
C PHE A 276 -9.29 -4.56 25.68
N LEU A 277 -8.42 -4.60 26.68
CA LEU A 277 -8.61 -5.45 27.83
C LEU A 277 -8.76 -4.63 29.10
N THR A 278 -9.24 -5.31 30.14
CA THR A 278 -9.37 -4.74 31.47
C THR A 278 -8.40 -5.45 32.40
N TRP A 279 -7.92 -4.72 33.40
CA TRP A 279 -7.09 -5.29 34.44
C TRP A 279 -7.80 -5.37 35.78
N ASP A 280 -9.05 -4.90 35.86
CA ASP A 280 -9.86 -5.00 37.05
C ASP A 280 -10.71 -6.27 36.95
N HIS A 281 -10.59 -7.14 37.94
CA HIS A 281 -11.50 -8.28 38.01
C HIS A 281 -12.74 -7.85 38.74
N GLN A 282 -13.89 -8.23 38.27
CA GLN A 282 -15.10 -7.94 39.06
C GLN A 282 -16.19 -8.97 38.72
N PRO A 283 -16.40 -9.90 39.67
CA PRO A 283 -17.12 -11.18 39.45
C PRO A 283 -18.59 -11.02 39.17
N GLU A 284 -19.20 -9.95 39.69
CA GLU A 284 -20.60 -9.69 39.41
C GLU A 284 -20.82 -9.54 37.91
N GLN A 285 -19.91 -8.85 37.21
CA GLN A 285 -20.00 -8.74 35.76
C GLN A 285 -19.38 -9.94 35.04
N GLY A 286 -18.72 -10.83 35.74
CA GLY A 286 -18.08 -11.98 35.11
C GLY A 286 -17.04 -11.58 34.08
N ARG A 287 -16.15 -10.68 34.46
CA ARG A 287 -15.20 -10.11 33.52
C ARG A 287 -14.14 -11.12 33.10
N LEU A 288 -13.74 -11.03 31.83
CA LEU A 288 -12.49 -11.61 31.36
C LEU A 288 -11.46 -10.51 31.25
N THR A 289 -10.32 -10.69 31.91
CA THR A 289 -9.31 -9.65 32.05
C THR A 289 -8.10 -9.95 31.16
N PHE A 290 -7.13 -9.03 31.21
CA PHE A 290 -5.88 -9.21 30.48
C PHE A 290 -5.23 -10.54 30.81
N TYR A 291 -5.29 -10.94 32.08
CA TYR A 291 -4.65 -12.18 32.52
C TYR A 291 -5.32 -13.42 31.96
N ASP A 292 -6.58 -13.32 31.55
CA ASP A 292 -7.28 -14.49 31.07
C ASP A 292 -6.96 -14.82 29.61
N LEU A 293 -6.00 -14.10 29.01
CA LEU A 293 -5.49 -14.36 27.68
C LEU A 293 -4.43 -15.45 27.69
N PRO A 294 -4.28 -16.21 26.60
CA PRO A 294 -3.25 -17.25 26.55
C PRO A 294 -1.86 -16.64 26.61
N ASP A 295 -0.89 -17.49 27.00
CA ASP A 295 0.49 -17.04 27.11
C ASP A 295 1.04 -16.60 25.75
N HIS A 296 0.63 -17.27 24.68
CA HIS A 296 1.03 -16.89 23.33
C HIS A 296 -0.21 -16.67 22.48
N ILE A 297 -0.26 -15.52 21.82
CA ILE A 297 -1.32 -15.19 20.88
C ILE A 297 -0.69 -15.20 19.50
N ASP A 298 -1.00 -16.22 18.72
CA ASP A 298 -0.36 -16.40 17.42
C ASP A 298 -0.60 -15.20 16.52
N TYR A 299 -1.84 -14.74 16.41
CA TYR A 299 -2.19 -13.67 15.50
C TYR A 299 -3.07 -12.65 16.20
N VAL A 300 -2.66 -11.38 16.13
CA VAL A 300 -3.48 -10.25 16.55
C VAL A 300 -3.95 -9.53 15.29
N PHE A 301 -5.26 -9.37 15.15
CA PHE A 301 -5.86 -8.74 14.00
C PHE A 301 -6.38 -7.36 14.40
N LEU A 302 -5.91 -6.34 13.70
CA LEU A 302 -6.31 -4.96 13.95
C LEU A 302 -7.22 -4.53 12.81
N THR A 303 -8.51 -4.37 13.12
CA THR A 303 -9.49 -4.04 12.07
C THR A 303 -9.21 -2.69 11.45
N HIS A 304 -9.10 -1.64 12.27
CA HIS A 304 -8.80 -0.31 11.77
C HIS A 304 -8.08 0.47 12.85
N ASN A 305 -7.82 1.74 12.58
CA ASN A 305 -6.93 2.53 13.42
C ASN A 305 -7.70 3.52 14.28
N HIS A 306 -8.63 3.01 15.09
CA HIS A 306 -9.35 3.82 16.05
C HIS A 306 -8.97 3.40 17.47
N GLN A 307 -9.11 4.34 18.40
CA GLN A 307 -8.61 4.13 19.75
C GLN A 307 -9.31 2.96 20.44
N ASP A 308 -10.55 2.67 20.07
CA ASP A 308 -11.30 1.58 20.71
C ASP A 308 -11.02 0.22 20.09
N HIS A 309 -10.16 0.15 19.07
CA HIS A 309 -9.73 -1.12 18.51
C HIS A 309 -8.21 -1.27 18.48
N PHE A 310 -7.46 -0.20 18.77
CA PHE A 310 -6.00 -0.18 18.72
C PHE A 310 -5.54 0.40 20.06
N SER A 311 -5.38 -0.46 21.06
CA SER A 311 -5.03 -0.03 22.41
C SER A 311 -3.52 -0.22 22.58
N CYS A 312 -2.78 0.89 22.54
CA CYS A 312 -1.35 0.82 22.80
C CYS A 312 -1.07 0.28 24.20
N GLU A 313 -1.98 0.52 25.15
CA GLU A 313 -1.82 -0.01 26.49
C GLU A 313 -1.82 -1.55 26.47
N ALA A 314 -2.78 -2.14 25.75
CA ALA A 314 -2.86 -3.60 25.71
C ALA A 314 -1.75 -4.20 24.86
N LEU A 315 -1.41 -3.55 23.75
CA LEU A 315 -0.41 -4.13 22.85
C LEU A 315 0.99 -4.09 23.44
N LEU A 316 1.30 -3.04 24.21
CA LEU A 316 2.65 -2.89 24.73
C LEU A 316 3.00 -3.97 25.74
N GLN A 317 2.04 -4.34 26.59
CA GLN A 317 2.26 -5.41 27.56
C GLN A 317 2.13 -6.80 26.95
N LEU A 318 1.59 -6.90 25.74
CA LEU A 318 1.46 -8.16 25.01
C LEU A 318 2.56 -8.35 23.98
N ARG A 319 3.61 -7.52 24.01
CA ARG A 319 4.59 -7.48 22.93
C ARG A 319 5.25 -8.84 22.71
N GLY A 320 6.00 -9.33 23.70
CA GLY A 320 6.70 -10.57 23.52
C GLY A 320 5.82 -11.80 23.38
N ARG A 321 4.51 -11.64 23.51
CA ARG A 321 3.57 -12.76 23.49
C ARG A 321 2.79 -12.87 22.18
N ILE A 322 3.04 -12.00 21.21
CA ILE A 322 2.24 -11.95 19.99
C ILE A 322 3.10 -12.46 18.85
N GLY A 323 2.61 -13.49 18.16
CA GLY A 323 3.35 -14.03 17.03
C GLY A 323 3.40 -13.09 15.86
N HIS A 324 2.24 -12.58 15.43
CA HIS A 324 2.14 -11.66 14.32
C HIS A 324 0.96 -10.72 14.51
N ILE A 325 1.17 -9.45 14.22
CA ILE A 325 0.11 -8.46 14.19
C ILE A 325 -0.32 -8.25 12.74
N LEU A 326 -1.61 -8.38 12.48
CA LEU A 326 -2.14 -8.26 11.13
C LEU A 326 -2.81 -6.90 10.98
N VAL A 327 -2.30 -6.09 10.07
CA VAL A 327 -2.79 -4.72 9.90
C VAL A 327 -3.14 -4.50 8.45
N PRO A 328 -4.00 -3.52 8.17
CA PRO A 328 -4.32 -3.16 6.78
C PRO A 328 -3.36 -2.13 6.21
N ARG A 329 -3.41 -2.00 4.89
CA ARG A 329 -2.58 -1.05 4.17
C ARG A 329 -3.13 0.37 4.32
N ASN A 330 -2.23 1.34 4.32
CA ASN A 330 -2.59 2.74 4.52
C ASN A 330 -2.49 3.54 3.23
N ASN A 331 -3.29 4.60 3.16
CA ASN A 331 -3.27 5.55 2.06
C ASN A 331 -2.23 6.62 2.36
N GLY A 332 -1.09 6.56 1.67
CA GLY A 332 -0.02 7.50 1.93
C GLY A 332 -0.35 8.93 1.55
N ASN A 333 -1.37 9.15 0.72
CA ASN A 333 -1.74 10.48 0.26
C ASN A 333 -2.73 11.20 1.17
N ASN A 334 -3.01 10.65 2.35
CA ASN A 334 -3.93 11.26 3.30
C ASN A 334 -3.23 11.42 4.65
N PHE A 335 -3.31 12.62 5.22
CA PHE A 335 -2.66 12.87 6.51
C PHE A 335 -3.28 12.03 7.61
N ALA A 336 -4.59 11.82 7.55
CA ALA A 336 -5.30 11.08 8.59
C ALA A 336 -5.10 9.58 8.52
N ASP A 337 -4.33 9.06 7.55
CA ASP A 337 -4.12 7.63 7.38
C ASP A 337 -2.64 7.29 7.47
N PRO A 338 -2.08 7.24 8.68
CA PRO A 338 -0.71 6.77 8.85
C PRO A 338 -0.63 5.25 8.84
N SER A 339 0.55 4.75 8.46
CA SER A 339 0.78 3.31 8.37
C SER A 339 0.77 2.68 9.76
N MET A 340 -0.07 1.65 9.95
CA MET A 340 -0.15 1.01 11.26
C MET A 340 1.09 0.18 11.56
N LYS A 341 1.65 -0.49 10.56
CA LYS A 341 3.06 -0.85 10.69
C LYS A 341 3.80 0.47 10.60
N LEU A 342 4.86 0.60 11.40
CA LEU A 342 5.63 1.83 11.63
C LEU A 342 5.13 2.43 12.94
N THR A 343 3.82 2.69 13.02
CA THR A 343 3.25 3.04 14.31
C THR A 343 3.48 1.92 15.30
N LEU A 344 3.35 0.67 14.82
CA LEU A 344 3.68 -0.48 15.62
C LEU A 344 5.19 -0.68 15.74
N LYS A 345 5.93 -0.34 14.67
CA LYS A 345 7.39 -0.41 14.74
C LYS A 345 7.93 0.53 15.80
N ARG A 346 7.36 1.73 15.90
CA ARG A 346 7.78 2.68 16.93
C ARG A 346 7.43 2.18 18.33
N LEU A 347 6.43 1.30 18.45
CA LEU A 347 6.14 0.64 19.71
C LEU A 347 6.96 -0.63 19.92
N GLY A 348 7.93 -0.91 19.04
CA GLY A 348 8.79 -2.06 19.20
C GLY A 348 8.34 -3.34 18.53
N PHE A 349 7.40 -3.25 17.59
CA PHE A 349 6.83 -4.43 16.94
C PHE A 349 7.39 -4.58 15.54
N ASP A 350 8.04 -5.71 15.27
CA ASP A 350 8.48 -6.04 13.93
C ASP A 350 7.77 -7.24 13.33
N ASN A 351 6.94 -7.94 14.11
CA ASN A 351 6.12 -9.04 13.62
C ASN A 351 4.80 -8.53 13.06
N VAL A 352 4.90 -7.61 12.11
CA VAL A 352 3.75 -6.90 11.55
C VAL A 352 3.58 -7.33 10.10
N ILE A 353 2.43 -7.93 9.78
CA ILE A 353 2.09 -8.34 8.42
C ILE A 353 1.03 -7.37 7.89
N VAL A 354 1.38 -6.60 6.87
CA VAL A 354 0.41 -5.74 6.21
C VAL A 354 -0.34 -6.57 5.18
N MET A 355 -1.65 -6.69 5.36
CA MET A 355 -2.48 -7.57 4.54
C MET A 355 -3.32 -6.72 3.59
N ASP A 356 -3.22 -7.04 2.30
CA ASP A 356 -4.12 -6.44 1.34
C ASP A 356 -5.47 -7.14 1.40
N GLU A 357 -6.44 -6.58 0.68
CA GLU A 357 -7.76 -7.18 0.66
C GLU A 357 -7.71 -8.58 0.04
N MET A 358 -8.47 -9.50 0.62
CA MET A 358 -8.57 -10.91 0.22
C MET A 358 -7.26 -11.67 0.37
N ALA A 359 -6.25 -11.09 0.99
CA ALA A 359 -5.03 -11.82 1.32
C ALA A 359 -5.32 -12.81 2.43
N ASP A 360 -4.80 -14.03 2.30
CA ASP A 360 -5.08 -15.07 3.28
C ASP A 360 -3.79 -15.54 3.95
N ILE A 361 -3.95 -16.05 5.17
CA ILE A 361 -2.87 -16.68 5.90
C ILE A 361 -3.34 -18.07 6.29
N THR A 362 -2.49 -19.08 6.09
CA THR A 362 -2.88 -20.44 6.41
C THR A 362 -2.64 -20.69 7.89
N LEU A 363 -3.64 -21.24 8.56
CA LEU A 363 -3.58 -21.55 9.97
C LEU A 363 -3.77 -23.03 10.20
N PRO A 364 -3.37 -23.54 11.38
CA PRO A 364 -3.73 -24.92 11.75
C PRO A 364 -5.24 -25.12 11.67
N ASP A 365 -5.65 -26.06 10.81
CA ASP A 365 -7.06 -26.42 10.62
C ASP A 365 -7.89 -25.26 10.08
N GLY A 366 -7.31 -24.43 9.23
CA GLY A 366 -8.12 -23.38 8.61
C GLY A 366 -7.25 -22.28 8.02
N ARG A 367 -7.86 -21.09 7.95
CA ARG A 367 -7.23 -19.94 7.31
C ARG A 367 -7.91 -18.67 7.79
N LEU A 368 -7.24 -17.55 7.57
CA LEU A 368 -7.81 -16.23 7.82
C LEU A 368 -7.62 -15.36 6.59
N VAL A 369 -8.60 -14.51 6.31
CA VAL A 369 -8.59 -13.65 5.14
C VAL A 369 -8.89 -12.22 5.58
N SER A 370 -8.12 -11.26 5.06
CA SER A 370 -8.37 -9.85 5.30
C SER A 370 -9.40 -9.36 4.28
N LEU A 371 -10.56 -8.88 4.78
CA LEU A 371 -11.67 -8.53 3.91
C LEU A 371 -11.77 -7.02 3.73
N PRO A 372 -12.22 -6.58 2.56
CA PRO A 372 -12.51 -5.15 2.38
C PRO A 372 -13.60 -4.68 3.33
N SER A 373 -13.49 -3.43 3.76
CA SER A 373 -14.46 -2.82 4.63
C SER A 373 -14.69 -1.38 4.18
N TYR A 374 -15.93 -0.92 4.35
CA TYR A 374 -16.33 0.41 3.91
C TYR A 374 -16.73 1.26 5.10
N GLY A 375 -16.44 2.56 5.00
CA GLY A 375 -17.04 3.53 5.89
C GLY A 375 -16.43 3.60 7.29
N GLU A 376 -17.21 4.20 8.19
CA GLU A 376 -16.84 4.47 9.58
C GLU A 376 -15.60 5.35 9.69
N HIS A 377 -15.23 6.06 8.63
CA HIS A 377 -14.09 6.95 8.69
C HIS A 377 -14.43 8.33 8.13
N SER A 378 -15.70 8.73 8.29
CA SER A 378 -16.17 10.06 7.88
C SER A 378 -15.91 10.31 6.39
N ASP A 379 -16.09 9.26 5.59
CA ASP A 379 -15.99 9.33 4.13
C ASP A 379 -14.63 9.85 3.66
N LEU A 380 -13.59 9.65 4.47
CA LEU A 380 -12.24 10.05 4.08
C LEU A 380 -11.56 8.89 3.37
N SER A 381 -10.64 9.22 2.45
CA SER A 381 -9.93 8.21 1.70
C SER A 381 -8.91 7.49 2.58
N ILE A 382 -9.39 6.99 3.71
CA ILE A 382 -8.59 6.18 4.63
C ILE A 382 -8.79 4.72 4.25
N THR A 383 -7.68 4.02 3.98
CA THR A 383 -7.72 2.63 3.57
C THR A 383 -7.31 1.68 4.68
N SER A 384 -6.91 2.18 5.84
CA SER A 384 -6.49 1.34 6.96
C SER A 384 -7.71 0.79 7.70
N LYS A 385 -8.47 -0.03 6.97
CA LYS A 385 -9.66 -0.70 7.50
C LYS A 385 -9.74 -2.05 6.80
N HIS A 386 -10.01 -3.11 7.57
CA HIS A 386 -10.26 -4.40 6.93
C HIS A 386 -11.00 -5.31 7.89
N GLY A 387 -11.88 -6.13 7.32
CA GLY A 387 -12.57 -7.16 8.08
C GLY A 387 -11.78 -8.46 8.10
N LEU A 388 -12.32 -9.43 8.82
CA LEU A 388 -11.62 -10.69 9.05
C LEU A 388 -12.56 -11.86 8.78
N TYR A 389 -12.17 -12.73 7.85
CA TYR A 389 -12.76 -14.05 7.72
C TYR A 389 -11.86 -15.02 8.45
N LEU A 390 -12.45 -15.87 9.29
CA LEU A 390 -11.70 -16.82 10.09
C LEU A 390 -12.32 -18.19 9.97
N SER A 391 -11.51 -19.18 9.59
CA SER A 391 -11.93 -20.56 9.49
C SER A 391 -11.02 -21.41 10.36
N LEU A 392 -11.60 -22.11 11.33
CA LEU A 392 -10.83 -22.94 12.25
C LEU A 392 -11.65 -24.18 12.55
N LYS A 393 -11.15 -25.34 12.12
CA LYS A 393 -11.79 -26.63 12.36
C LYS A 393 -13.27 -26.63 11.93
N GLY A 394 -13.51 -26.13 10.72
CA GLY A 394 -14.84 -26.12 10.15
C GLY A 394 -15.70 -24.93 10.49
N ARG A 395 -15.42 -24.27 11.61
CA ARG A 395 -16.19 -23.11 12.03
C ARG A 395 -15.73 -21.87 11.27
N SER A 396 -16.69 -21.11 10.74
CA SER A 396 -16.39 -19.92 9.95
C SER A 396 -16.85 -18.68 10.70
N PHE A 397 -15.97 -17.69 10.80
CA PHE A 397 -16.26 -16.46 11.52
C PHE A 397 -15.97 -15.27 10.63
N MET A 398 -16.77 -14.22 10.80
CA MET A 398 -16.54 -12.95 10.11
C MET A 398 -16.70 -11.82 11.11
N PHE A 399 -15.59 -11.18 11.44
CA PHE A 399 -15.56 -10.00 12.30
C PHE A 399 -15.46 -8.77 11.42
N LEU A 400 -16.45 -7.88 11.52
CA LEU A 400 -16.49 -6.69 10.69
C LEU A 400 -16.32 -5.41 11.48
N ALA A 401 -16.24 -5.48 12.81
CA ALA A 401 -15.96 -4.33 13.69
C ALA A 401 -16.96 -3.23 13.39
N ASP A 402 -16.52 -2.00 13.13
CA ASP A 402 -17.44 -0.90 12.87
C ASP A 402 -17.64 -0.66 11.38
N SER A 403 -17.34 -1.65 10.54
CA SER A 403 -17.50 -1.47 9.10
C SER A 403 -18.97 -1.26 8.75
N ASP A 404 -19.22 -0.33 7.83
CA ASP A 404 -20.58 0.01 7.41
C ASP A 404 -20.85 -0.61 6.05
N ALA A 405 -21.79 -1.55 6.00
CA ALA A 405 -22.11 -2.28 4.78
C ALA A 405 -22.96 -1.39 3.87
N LYS A 406 -22.27 -0.47 3.20
CA LYS A 406 -22.97 0.42 2.26
C LYS A 406 -23.36 -0.30 0.98
N ASP A 407 -22.62 -1.33 0.58
CA ASP A 407 -22.83 -2.03 -0.69
C ASP A 407 -22.95 -3.52 -0.43
N ARG A 408 -24.17 -4.06 -0.57
CA ARG A 408 -24.37 -5.48 -0.36
C ARG A 408 -23.63 -6.33 -1.38
N VAL A 409 -23.42 -5.79 -2.59
CA VAL A 409 -22.73 -6.57 -3.62
C VAL A 409 -21.27 -6.78 -3.24
N LEU A 410 -20.69 -5.86 -2.47
CA LEU A 410 -19.32 -6.03 -2.01
C LEU A 410 -19.18 -7.32 -1.19
N TYR A 411 -20.09 -7.53 -0.25
CA TYR A 411 -20.04 -8.75 0.55
C TYR A 411 -20.48 -9.96 -0.27
N ARG A 412 -21.33 -9.77 -1.26
CA ARG A 412 -21.64 -10.85 -2.20
C ARG A 412 -20.37 -11.36 -2.87
N ARG A 413 -19.56 -10.45 -3.40
CA ARG A 413 -18.30 -10.83 -4.02
C ARG A 413 -17.38 -11.48 -3.00
N ILE A 414 -17.41 -10.98 -1.76
CA ILE A 414 -16.56 -11.52 -0.71
C ILE A 414 -16.93 -12.98 -0.42
N ILE A 415 -18.22 -13.26 -0.28
CA ILE A 415 -18.67 -14.62 0.03
C ILE A 415 -18.34 -15.57 -1.11
N LYS A 416 -18.29 -15.06 -2.35
CA LYS A 416 -17.96 -15.91 -3.49
C LYS A 416 -16.60 -16.57 -3.34
N GLN A 417 -15.66 -15.93 -2.65
CA GLN A 417 -14.33 -16.50 -2.45
C GLN A 417 -14.21 -17.27 -1.15
N VAL A 418 -14.54 -16.61 -0.03
CA VAL A 418 -14.32 -17.23 1.27
C VAL A 418 -15.40 -18.25 1.61
N GLY A 419 -16.52 -18.24 0.88
CA GLY A 419 -17.60 -19.15 1.14
C GLY A 419 -18.55 -18.62 2.21
N LYS A 420 -19.52 -19.46 2.54
CA LYS A 420 -20.51 -19.11 3.54
C LYS A 420 -19.85 -19.00 4.91
N VAL A 421 -20.34 -18.06 5.72
CA VAL A 421 -19.84 -17.82 7.06
C VAL A 421 -20.86 -18.36 8.07
N ASP A 422 -20.36 -18.95 9.15
CA ASP A 422 -21.23 -19.51 10.17
C ASP A 422 -21.65 -18.48 11.21
N ASN A 423 -20.69 -17.72 11.73
CA ASN A 423 -20.93 -16.74 12.79
C ASN A 423 -20.50 -15.37 12.30
N LEU A 424 -21.42 -14.42 12.32
CA LEU A 424 -21.13 -13.05 11.91
C LEU A 424 -21.02 -12.17 13.14
N PHE A 425 -19.91 -11.45 13.24
CA PHE A 425 -19.70 -10.44 14.27
C PHE A 425 -19.80 -9.08 13.58
N ILE A 426 -20.81 -8.31 13.95
CA ILE A 426 -21.06 -7.02 13.31
C ILE A 426 -21.19 -5.97 14.40
N GLY A 427 -20.68 -4.77 14.12
CA GLY A 427 -20.80 -3.64 15.02
C GLY A 427 -21.94 -2.74 14.57
N MET A 428 -22.69 -2.23 15.53
CA MET A 428 -23.85 -1.40 15.24
C MET A 428 -23.75 -0.03 15.88
N GLU A 429 -22.57 0.57 15.84
CA GLU A 429 -22.36 1.97 16.21
C GLU A 429 -22.69 2.83 14.99
N CYS A 430 -23.99 3.12 14.84
CA CYS A 430 -24.50 3.82 13.66
C CYS A 430 -24.79 5.29 13.92
N ASP A 431 -24.19 5.88 14.95
CA ASP A 431 -24.31 7.31 15.23
C ASP A 431 -23.02 7.78 15.90
N GLY A 432 -21.92 7.66 15.17
CA GLY A 432 -20.62 8.00 15.70
C GLY A 432 -20.39 9.49 15.79
N ALA A 433 -19.17 9.84 16.19
CA ALA A 433 -18.79 11.24 16.33
C ALA A 433 -18.67 11.89 14.95
N PRO A 434 -18.85 13.21 14.86
CA PRO A 434 -18.64 13.90 13.59
C PRO A 434 -17.19 13.80 13.14
N LEU A 435 -16.94 14.25 11.90
CA LEU A 435 -15.61 14.12 11.31
C LEU A 435 -14.54 14.79 12.16
N THR A 436 -14.78 16.04 12.57
CA THR A 436 -13.72 16.83 13.20
C THR A 436 -13.37 16.34 14.59
N TRP A 437 -14.25 15.56 15.24
CA TRP A 437 -13.92 15.05 16.56
C TRP A 437 -12.63 14.26 16.54
N LEU A 438 -12.39 13.52 15.48
CA LEU A 438 -11.19 12.71 15.32
C LEU A 438 -10.20 13.35 14.34
N TYR A 439 -10.68 13.80 13.18
CA TYR A 439 -9.81 14.29 12.12
C TYR A 439 -9.77 15.81 12.04
N GLY A 440 -10.18 16.49 13.11
CA GLY A 440 -10.11 17.92 13.20
C GLY A 440 -8.72 18.50 13.05
N PRO A 441 -7.77 18.05 13.88
CA PRO A 441 -6.41 18.62 13.82
C PRO A 441 -5.69 18.36 12.52
N TYR A 442 -6.21 17.51 11.64
CA TYR A 442 -5.56 17.20 10.38
C TYR A 442 -6.11 18.00 9.22
N LEU A 443 -7.14 18.81 9.46
CA LEU A 443 -7.75 19.62 8.42
C LEU A 443 -7.04 20.97 8.36
N SER A 444 -6.38 21.24 7.23
CA SER A 444 -5.76 22.55 7.05
C SER A 444 -6.80 23.64 6.87
N ASN A 445 -7.94 23.31 6.27
CA ASN A 445 -9.02 24.25 6.08
C ASN A 445 -10.30 23.69 6.69
N PRO A 446 -10.98 24.44 7.55
CA PRO A 446 -12.14 23.90 8.28
C PRO A 446 -13.28 23.48 7.36
N ILE A 447 -14.08 22.54 7.87
CA ILE A 447 -15.20 21.95 7.15
C ILE A 447 -16.51 22.50 7.69
N GLY A 448 -17.51 22.58 6.82
CA GLY A 448 -18.82 23.06 7.23
C GLY A 448 -19.54 22.10 8.15
N ARG A 449 -20.42 22.66 8.99
CA ARG A 449 -21.11 21.85 10.00
C ARG A 449 -22.01 20.81 9.35
N ARG A 450 -22.68 21.17 8.26
CA ARG A 450 -23.51 20.19 7.55
C ARG A 450 -22.65 19.06 7.02
N GLU A 451 -21.49 19.39 6.44
CA GLU A 451 -20.55 18.36 6.01
C GLU A 451 -20.01 17.57 7.19
N ASP A 452 -19.70 18.26 8.29
CA ASP A 452 -19.14 17.60 9.48
C ASP A 452 -20.12 16.61 10.08
N GLU A 453 -21.41 16.97 10.17
CA GLU A 453 -22.38 16.10 10.79
C GLU A 453 -22.89 15.01 9.86
N SER A 454 -22.71 15.18 8.54
CA SER A 454 -23.10 14.13 7.61
C SER A 454 -22.13 12.96 7.60
N ARG A 455 -20.84 13.23 7.81
CA ARG A 455 -19.80 12.20 7.78
C ARG A 455 -19.39 11.88 9.21
N ARG A 456 -20.03 10.88 9.80
CA ARG A 456 -19.76 10.47 11.17
C ARG A 456 -19.01 9.16 11.20
N LEU A 457 -18.44 8.85 12.36
CA LEU A 457 -17.77 7.56 12.59
C LEU A 457 -18.82 6.48 12.86
N SER A 458 -19.66 6.27 11.85
CA SER A 458 -20.83 5.42 11.98
C SER A 458 -20.63 4.11 11.21
N GLY A 459 -21.10 3.02 11.81
CA GLY A 459 -21.06 1.72 11.21
C GLY A 459 -22.41 1.35 10.61
N SER A 460 -22.72 0.06 10.65
CA SER A 460 -23.95 -0.44 10.05
C SER A 460 -25.14 -0.24 10.97
N ASP A 461 -26.28 0.13 10.39
CA ASP A 461 -27.52 0.15 11.15
C ASP A 461 -28.22 -1.20 10.93
N CYS A 462 -29.50 -1.30 11.30
CA CYS A 462 -30.19 -2.59 11.19
C CYS A 462 -30.35 -3.01 9.74
N GLU A 463 -30.85 -2.11 8.89
CA GLU A 463 -31.07 -2.46 7.50
C GLU A 463 -29.77 -2.84 6.82
N ARG A 464 -28.71 -2.06 7.03
CA ARG A 464 -27.45 -2.32 6.35
C ARG A 464 -26.79 -3.60 6.87
N ALA A 465 -26.84 -3.83 8.18
CA ALA A 465 -26.30 -5.07 8.73
C ALA A 465 -27.05 -6.29 8.21
N TRP A 466 -28.34 -6.13 7.92
CA TRP A 466 -29.10 -7.25 7.36
C TRP A 466 -28.60 -7.62 5.97
N ARG A 467 -28.02 -6.66 5.25
CA ARG A 467 -27.43 -6.98 3.95
C ARG A 467 -26.32 -7.99 4.09
N ILE A 468 -25.48 -7.85 5.13
CA ILE A 468 -24.38 -8.79 5.33
C ILE A 468 -24.92 -10.18 5.63
N VAL A 469 -25.91 -10.26 6.53
CA VAL A 469 -26.47 -11.55 6.90
C VAL A 469 -27.03 -12.26 5.67
N GLU A 470 -27.78 -11.53 4.85
CA GLU A 470 -28.36 -12.14 3.65
C GLU A 470 -27.28 -12.63 2.70
N GLU A 471 -26.17 -11.90 2.59
CA GLU A 471 -25.14 -12.28 1.63
C GLU A 471 -24.26 -13.41 2.15
N CYS A 472 -24.04 -13.48 3.46
CA CYS A 472 -23.13 -14.46 4.03
C CYS A 472 -23.84 -15.70 4.56
N GLY A 473 -25.15 -15.65 4.78
CA GLY A 473 -25.90 -16.80 5.22
C GLY A 473 -25.42 -17.41 6.52
N CYS A 474 -25.25 -16.58 7.54
CA CYS A 474 -24.75 -17.06 8.81
C CYS A 474 -25.86 -17.69 9.64
N SER A 475 -25.50 -18.72 10.40
CA SER A 475 -26.43 -19.30 11.35
C SER A 475 -26.48 -18.52 12.65
N GLN A 476 -25.43 -17.74 12.96
CA GLN A 476 -25.42 -16.91 14.14
C GLN A 476 -24.89 -15.53 13.78
N ALA A 477 -25.53 -14.50 14.34
CA ALA A 477 -25.11 -13.12 14.17
C ALA A 477 -25.00 -12.50 15.55
N LEU A 478 -23.80 -12.02 15.88
CA LEU A 478 -23.53 -11.47 17.20
C LEU A 478 -23.21 -9.99 17.05
N VAL A 479 -24.00 -9.15 17.72
CA VAL A 479 -23.77 -7.72 17.71
C VAL A 479 -22.72 -7.39 18.76
N TYR A 480 -21.59 -6.85 18.31
CA TYR A 480 -20.48 -6.54 19.19
C TYR A 480 -20.00 -5.12 18.89
N ALA A 481 -18.95 -4.69 19.59
CA ALA A 481 -18.37 -3.36 19.41
C ALA A 481 -19.38 -2.26 19.74
N MET A 482 -20.06 -2.43 20.89
CA MET A 482 -21.04 -1.44 21.32
C MET A 482 -20.54 -0.55 22.45
N GLY A 483 -19.44 -0.93 23.11
CA GLY A 483 -18.86 -0.10 24.16
C GLY A 483 -19.70 0.05 25.40
N GLN A 484 -20.58 -0.92 25.68
CA GLN A 484 -21.51 -0.81 26.79
C GLN A 484 -20.92 -1.30 28.11
N GLU A 485 -19.75 -1.94 28.09
CA GLU A 485 -19.11 -2.37 29.32
C GLU A 485 -18.43 -1.19 29.98
N SER A 486 -18.28 -1.28 31.31
CA SER A 486 -17.97 -0.10 32.10
C SER A 486 -16.57 0.44 31.82
N TRP A 487 -15.59 -0.45 31.68
CA TRP A 487 -14.21 0.01 31.58
C TRP A 487 -13.86 0.62 30.22
N PHE A 488 -14.82 0.72 29.29
CA PHE A 488 -14.58 1.38 28.01
C PHE A 488 -15.08 2.82 27.98
N ARG A 489 -15.72 3.30 29.06
CA ARG A 489 -16.26 4.66 29.06
C ARG A 489 -15.21 5.69 28.66
N PHE A 490 -13.97 5.52 29.12
CA PHE A 490 -12.95 6.55 28.93
C PHE A 490 -12.42 6.58 27.50
N VAL A 491 -12.92 5.70 26.63
CA VAL A 491 -12.49 5.64 25.24
C VAL A 491 -13.72 5.74 24.33
N VAL A 492 -14.79 5.06 24.68
CA VAL A 492 -15.98 5.03 23.84
C VAL A 492 -16.98 6.10 24.24
N GLY A 493 -17.08 6.42 25.53
CA GLY A 493 -18.01 7.45 25.96
C GLY A 493 -19.15 6.90 26.79
N LEU A 494 -20.28 7.60 26.73
CA LEU A 494 -21.42 7.25 27.57
C LEU A 494 -21.93 5.85 27.24
N GLU A 495 -22.49 5.19 28.24
CA GLU A 495 -23.22 3.95 28.01
C GLU A 495 -24.59 4.27 27.41
N TYR A 496 -25.03 3.45 26.48
CA TYR A 496 -26.24 3.76 25.72
C TYR A 496 -27.48 3.41 26.51
N THR A 497 -28.37 4.39 26.68
CA THR A 497 -29.68 4.12 27.24
C THR A 497 -30.53 3.38 26.20
N PRO A 498 -31.55 2.62 26.64
CA PRO A 498 -32.31 1.79 25.70
C PRO A 498 -32.99 2.57 24.58
N ASP A 499 -33.13 3.89 24.69
CA ASP A 499 -33.77 4.68 23.65
C ASP A 499 -32.80 5.13 22.56
N LYS A 500 -31.49 5.03 22.80
CA LYS A 500 -30.52 5.50 21.82
C LYS A 500 -30.60 4.69 20.53
N LYS A 501 -30.35 5.37 19.41
CA LYS A 501 -30.49 4.74 18.09
C LYS A 501 -29.66 3.48 17.97
N GLN A 502 -28.45 3.50 18.54
CA GLN A 502 -27.57 2.34 18.42
C GLN A 502 -28.17 1.13 19.12
N ILE A 503 -28.81 1.34 20.27
CA ILE A 503 -29.46 0.24 20.97
C ILE A 503 -30.76 -0.16 20.29
N VAL A 504 -31.53 0.83 19.81
CA VAL A 504 -32.78 0.54 19.12
C VAL A 504 -32.50 -0.23 17.83
N GLU A 505 -31.56 0.27 17.03
CA GLU A 505 -31.23 -0.38 15.76
C GLU A 505 -30.65 -1.77 16.00
N SER A 506 -29.83 -1.93 17.05
CA SER A 506 -29.28 -3.23 17.38
C SER A 506 -30.38 -4.20 17.80
N ASP A 507 -31.38 -3.70 18.54
CA ASP A 507 -32.50 -4.54 18.93
C ASP A 507 -33.32 -4.96 17.71
N LYS A 508 -33.46 -4.05 16.73
CA LYS A 508 -34.13 -4.41 15.47
C LYS A 508 -33.36 -5.51 14.75
N PHE A 509 -32.03 -5.46 14.79
CA PHE A 509 -31.21 -6.42 14.06
C PHE A 509 -31.25 -7.81 14.69
N VAL A 510 -31.12 -7.88 16.02
CA VAL A 510 -31.19 -9.17 16.70
C VAL A 510 -32.57 -9.82 16.50
N ASP A 511 -33.63 -9.01 16.52
CA ASP A 511 -34.97 -9.53 16.31
C ASP A 511 -35.14 -10.08 14.89
N ARG A 512 -34.73 -9.31 13.88
CA ARG A 512 -34.85 -9.77 12.51
C ARG A 512 -34.03 -11.02 12.25
N CYS A 513 -32.90 -11.16 12.93
CA CYS A 513 -32.11 -12.38 12.81
C CYS A 513 -32.86 -13.57 13.40
N ARG A 514 -33.40 -13.40 14.61
CA ARG A 514 -34.15 -14.49 15.23
C ARG A 514 -35.38 -14.84 14.43
N GLN A 515 -36.02 -13.83 13.83
CA GLN A 515 -37.17 -14.09 12.97
C GLN A 515 -36.80 -14.94 11.76
N ALA A 516 -35.56 -14.84 11.30
CA ALA A 516 -35.11 -15.65 10.18
C ALA A 516 -34.69 -17.05 10.60
N GLY A 517 -34.73 -17.37 11.89
CA GLY A 517 -34.32 -18.66 12.39
C GLY A 517 -32.87 -18.76 12.82
N MET A 518 -32.14 -17.66 12.88
CA MET A 518 -30.76 -17.72 13.34
C MET A 518 -30.69 -17.48 14.85
N ALA A 519 -29.53 -17.78 15.41
CA ALA A 519 -29.21 -17.38 16.77
C ALA A 519 -28.63 -15.97 16.70
N ALA A 520 -29.09 -15.09 17.58
CA ALA A 520 -28.61 -13.72 17.57
C ALA A 520 -28.72 -13.13 18.97
N GLN A 521 -27.80 -12.21 19.27
CA GLN A 521 -27.78 -11.53 20.55
C GLN A 521 -26.85 -10.34 20.45
N ARG A 522 -27.10 -9.34 21.29
CA ARG A 522 -26.18 -8.24 21.48
C ARG A 522 -25.29 -8.57 22.68
N LEU A 523 -24.00 -8.72 22.43
CA LEU A 523 -23.06 -9.02 23.49
C LEU A 523 -23.04 -7.92 24.54
N HIS A 524 -23.23 -8.31 25.80
CA HIS A 524 -23.06 -7.40 26.92
C HIS A 524 -22.41 -8.17 28.06
N GLY A 525 -21.26 -7.70 28.51
CA GLY A 525 -20.45 -8.42 29.47
C GLY A 525 -19.66 -9.53 28.79
N CYS A 526 -18.57 -9.93 29.44
CA CYS A 526 -17.69 -10.91 28.84
C CYS A 526 -18.34 -12.29 28.85
N GLN A 527 -18.03 -13.09 27.83
CA GLN A 527 -18.66 -14.38 27.65
C GLN A 527 -17.66 -15.33 27.02
N THR A 528 -17.71 -16.58 27.43
CA THR A 528 -16.92 -17.65 26.83
C THR A 528 -17.88 -18.60 26.14
N MET A 529 -17.72 -18.78 24.83
CA MET A 529 -18.58 -19.63 24.05
C MET A 529 -17.76 -20.74 23.40
N LEU A 530 -18.33 -21.94 23.38
CA LEU A 530 -17.75 -23.07 22.67
C LEU A 530 -18.59 -23.35 21.44
N LEU A 531 -17.92 -23.69 20.33
CA LEU A 531 -18.62 -23.99 19.09
C LEU A 531 -17.73 -24.80 18.15
N THR B 2 13.35 -42.63 -34.76
CA THR B 2 12.12 -42.49 -35.53
C THR B 2 11.46 -41.13 -35.24
N VAL B 3 11.56 -40.23 -36.22
CA VAL B 3 11.05 -38.85 -36.17
C VAL B 3 11.27 -38.20 -34.81
N SER B 4 12.48 -38.36 -34.26
CA SER B 4 12.86 -37.80 -32.96
C SER B 4 13.31 -36.35 -33.14
N ASP B 5 12.40 -35.42 -32.85
CA ASP B 5 12.62 -33.99 -33.08
C ASP B 5 12.64 -33.23 -31.75
N ASN B 6 13.70 -33.42 -30.96
CA ASN B 6 13.87 -32.66 -29.72
C ASN B 6 14.49 -31.31 -30.06
N VAL B 7 13.80 -30.23 -29.71
CA VAL B 7 14.04 -28.93 -30.32
C VAL B 7 14.12 -27.82 -29.26
N PHE B 8 14.92 -26.80 -29.57
CA PHE B 8 14.97 -25.55 -28.83
C PHE B 8 14.22 -24.47 -29.59
N LEU B 9 13.89 -23.38 -28.91
CA LEU B 9 13.41 -22.19 -29.59
C LEU B 9 14.57 -21.56 -30.35
N ARG B 10 14.29 -21.13 -31.58
CA ARG B 10 15.30 -20.41 -32.34
C ARG B 10 15.71 -19.13 -31.60
N SER B 11 17.01 -18.84 -31.63
CA SER B 11 17.54 -17.75 -30.81
C SER B 11 16.83 -16.43 -31.09
N HIS B 12 16.49 -16.18 -32.36
CA HIS B 12 15.85 -14.92 -32.74
C HIS B 12 14.34 -15.05 -32.91
N THR B 13 13.73 -16.13 -32.43
CA THR B 13 12.28 -16.21 -32.42
C THR B 13 11.75 -15.32 -31.31
N LYS B 14 10.86 -14.39 -31.66
CA LYS B 14 10.24 -13.51 -30.70
C LYS B 14 8.83 -14.01 -30.42
N ILE B 15 8.47 -14.06 -29.14
CA ILE B 15 7.13 -14.45 -28.70
C ILE B 15 6.46 -13.19 -28.16
N GLU B 16 5.64 -12.56 -29.01
CA GLU B 16 4.99 -11.31 -28.65
C GLU B 16 3.66 -11.61 -27.96
N PRO B 17 3.51 -11.29 -26.68
CA PRO B 17 2.22 -11.53 -26.02
C PRO B 17 1.21 -10.49 -26.47
N LEU B 18 0.03 -10.95 -26.85
CA LEU B 18 -0.99 -10.08 -27.41
C LEU B 18 -2.29 -10.25 -26.65
N ILE B 19 -2.91 -9.13 -26.29
CA ILE B 19 -4.23 -9.11 -25.68
C ILE B 19 -5.16 -8.51 -26.73
N MET B 20 -5.93 -9.38 -27.39
CA MET B 20 -6.79 -8.99 -28.52
C MET B 20 -5.96 -8.33 -29.61
N ARG B 21 -4.82 -8.93 -29.93
CA ARG B 21 -3.87 -8.55 -30.98
C ARG B 21 -3.13 -7.26 -30.67
N TRP B 22 -3.43 -6.60 -29.56
CA TRP B 22 -2.67 -5.45 -29.11
C TRP B 22 -1.48 -5.93 -28.27
N TYR B 23 -0.32 -5.32 -28.52
CA TYR B 23 0.86 -5.71 -27.75
C TYR B 23 0.61 -5.53 -26.27
N ALA B 24 0.82 -6.59 -25.50
CA ALA B 24 0.46 -6.61 -24.09
C ALA B 24 1.55 -5.91 -23.29
N TRP B 25 1.24 -4.72 -22.79
CA TRP B 25 2.04 -4.05 -21.79
C TRP B 25 1.24 -3.99 -20.49
N ALA B 26 1.88 -3.44 -19.45
CA ALA B 26 1.39 -3.62 -18.09
C ALA B 26 -0.06 -3.16 -17.93
N HIS B 27 -0.41 -2.03 -18.55
CA HIS B 27 -1.75 -1.48 -18.36
C HIS B 27 -2.81 -2.24 -19.14
N LEU B 28 -2.44 -2.98 -20.18
CA LEU B 28 -3.38 -3.86 -20.85
C LEU B 28 -3.59 -5.17 -20.09
N VAL B 29 -2.73 -5.48 -19.13
CA VAL B 29 -2.88 -6.69 -18.32
C VAL B 29 -3.77 -6.42 -17.13
N SER B 30 -3.64 -5.25 -16.52
CA SER B 30 -4.52 -4.87 -15.43
C SER B 30 -5.91 -4.58 -15.98
N PRO B 31 -6.96 -5.21 -15.44
CA PRO B 31 -8.26 -5.20 -16.14
C PRO B 31 -8.90 -3.82 -16.24
N ALA B 32 -8.89 -3.03 -15.17
CA ALA B 32 -9.56 -1.73 -15.19
C ALA B 32 -8.92 -0.81 -16.21
N GLN B 33 -7.60 -0.68 -16.17
CA GLN B 33 -6.90 0.16 -17.14
C GLN B 33 -7.01 -0.45 -18.53
N HIS B 34 -7.07 -1.78 -18.63
CA HIS B 34 -7.27 -2.42 -19.91
C HIS B 34 -8.62 -2.03 -20.50
N ALA B 35 -9.68 -2.10 -19.68
CA ALA B 35 -11.00 -1.70 -20.14
C ALA B 35 -11.00 -0.24 -20.59
N LEU B 36 -10.39 0.64 -19.79
CA LEU B 36 -10.29 2.04 -20.17
C LEU B 36 -9.52 2.24 -21.46
N ASN B 37 -8.52 1.38 -21.71
CA ASN B 37 -7.72 1.53 -22.94
C ASN B 37 -8.44 0.92 -24.14
N ILE B 38 -9.21 -0.15 -23.93
CA ILE B 38 -10.00 -0.73 -25.01
C ILE B 38 -11.01 0.30 -25.51
N ALA B 39 -11.75 0.91 -24.58
CA ALA B 39 -12.86 1.77 -24.95
C ALA B 39 -12.41 3.15 -25.40
N PHE B 40 -11.41 3.72 -24.72
CA PHE B 40 -11.05 5.11 -24.91
C PHE B 40 -9.71 5.30 -25.62
N ARG B 41 -9.10 4.23 -26.11
CA ARG B 41 -7.93 4.36 -26.97
C ARG B 41 -7.99 3.41 -28.17
N HIS B 42 -8.17 2.12 -27.90
CA HIS B 42 -8.08 1.12 -28.96
C HIS B 42 -9.29 1.20 -29.89
N LEU B 43 -10.49 1.17 -29.33
CA LEU B 43 -11.69 1.30 -30.16
C LEU B 43 -11.72 2.59 -30.98
N PRO B 44 -11.36 3.76 -30.44
CA PRO B 44 -11.32 4.96 -31.30
C PRO B 44 -10.33 4.87 -32.45
N MET B 45 -9.13 4.34 -32.20
CA MET B 45 -8.11 4.28 -33.26
C MET B 45 -8.54 3.33 -34.38
N LEU B 46 -9.17 2.21 -34.04
CA LEU B 46 -9.64 1.27 -35.06
C LEU B 46 -10.75 1.88 -35.90
N LYS B 47 -11.71 2.55 -35.25
CA LYS B 47 -12.77 3.21 -36.01
C LYS B 47 -12.20 4.33 -36.87
N SER B 48 -11.19 5.03 -36.35
CA SER B 48 -10.51 6.05 -37.15
C SER B 48 -9.76 5.43 -38.32
N PHE B 49 -9.26 4.20 -38.17
CA PHE B 49 -8.56 3.55 -39.28
C PHE B 49 -9.54 3.10 -40.36
N VAL B 50 -10.66 2.47 -39.95
CA VAL B 50 -11.63 2.00 -40.94
C VAL B 50 -12.18 3.15 -41.76
N ALA B 51 -12.20 4.37 -41.21
CA ALA B 51 -12.59 5.57 -41.93
C ALA B 51 -11.32 6.32 -42.37
N SER B 52 -11.03 6.29 -43.67
CA SER B 52 -9.82 6.89 -44.25
C SER B 52 -8.55 6.39 -43.54
N PRO B 53 -8.13 5.16 -43.83
CA PRO B 53 -6.84 4.69 -43.30
C PRO B 53 -5.66 5.53 -43.76
N ALA B 54 -5.80 6.25 -44.87
CA ALA B 54 -4.71 7.06 -45.40
C ALA B 54 -4.20 8.08 -44.38
N VAL B 55 -5.11 8.64 -43.57
CA VAL B 55 -4.71 9.58 -42.53
C VAL B 55 -3.64 8.96 -41.64
N HIS B 56 -3.81 7.67 -41.31
CA HIS B 56 -2.86 6.99 -40.44
C HIS B 56 -1.54 6.78 -41.17
N GLU B 57 -1.61 6.51 -42.48
CA GLU B 57 -0.41 6.41 -43.30
C GLU B 57 0.35 7.72 -43.34
N ALA B 58 -0.38 8.85 -43.32
CA ALA B 58 0.27 10.15 -43.37
C ALA B 58 1.03 10.45 -42.09
N ALA B 59 0.47 10.08 -40.94
CA ALA B 59 1.15 10.29 -39.67
C ALA B 59 2.27 9.28 -39.44
N SER B 60 2.09 8.04 -39.88
CA SER B 60 3.13 7.03 -39.71
C SER B 60 4.34 7.27 -40.60
N SER B 61 4.18 8.07 -41.66
CA SER B 61 5.33 8.46 -42.48
C SER B 61 6.17 9.54 -41.80
N ASN B 62 5.52 10.43 -41.08
CA ASN B 62 6.16 11.50 -40.33
C ASN B 62 6.98 10.94 -39.17
N PRO B 63 8.32 10.96 -39.24
CA PRO B 63 9.10 10.37 -38.16
C PRO B 63 8.98 11.13 -36.86
N GLU B 64 8.55 12.39 -36.92
CA GLU B 64 8.30 13.18 -35.72
C GLU B 64 7.06 12.67 -35.00
N MET B 65 6.03 12.32 -35.75
CA MET B 65 4.79 11.84 -35.14
C MET B 65 4.83 10.32 -34.92
N LEU B 66 5.89 9.88 -34.26
CA LEU B 66 6.05 8.48 -33.89
C LEU B 66 5.43 8.30 -32.52
N GLY B 67 4.55 7.31 -32.38
CA GLY B 67 3.82 7.09 -31.16
C GLY B 67 2.52 7.86 -31.07
N GLY B 68 2.23 8.72 -32.05
CA GLY B 68 0.98 9.46 -32.08
C GLY B 68 -0.19 8.51 -32.18
N PRO B 69 -1.40 9.01 -31.98
CA PRO B 69 -2.56 8.10 -31.92
C PRO B 69 -2.95 7.56 -33.29
N PHE B 70 -2.00 6.98 -34.02
CA PHE B 70 -2.25 6.49 -35.37
C PHE B 70 -1.60 5.13 -35.57
N LEU B 71 -2.32 4.25 -36.28
CA LEU B 71 -1.83 2.91 -36.55
C LEU B 71 -0.72 2.92 -37.61
N GLU B 72 0.33 2.13 -37.37
CA GLU B 72 1.39 1.97 -38.36
C GLU B 72 1.07 0.91 -39.40
N LEU B 73 -0.19 0.54 -39.51
CA LEU B 73 -0.64 -0.32 -40.59
C LEU B 73 -1.00 0.56 -41.76
N LYS B 74 -1.09 -0.04 -42.94
CA LYS B 74 -1.48 0.76 -44.08
C LYS B 74 -2.46 0.01 -44.98
N LYS B 75 -2.95 0.74 -45.98
CA LYS B 75 -4.35 0.67 -46.40
C LYS B 75 -4.78 -0.75 -46.73
N SER B 76 -3.85 -1.63 -47.10
CA SER B 76 -4.23 -3.01 -47.42
C SER B 76 -4.78 -3.74 -46.20
N ASP B 77 -4.35 -3.37 -45.00
CA ASP B 77 -4.81 -4.04 -43.79
C ASP B 77 -6.18 -3.54 -43.32
N ALA B 78 -6.87 -2.73 -44.12
CA ALA B 78 -8.13 -2.16 -43.68
C ALA B 78 -9.17 -3.24 -43.41
N ALA B 79 -9.23 -4.26 -44.27
CA ALA B 79 -10.18 -5.34 -44.04
C ALA B 79 -9.89 -6.07 -42.74
N ALA B 80 -8.61 -6.32 -42.46
CA ALA B 80 -8.26 -7.01 -41.22
C ALA B 80 -8.55 -6.15 -40.00
N VAL B 81 -8.25 -4.84 -40.09
CA VAL B 81 -8.46 -3.94 -38.95
C VAL B 81 -9.94 -3.84 -38.61
N LYS B 82 -10.79 -3.70 -39.63
CA LYS B 82 -12.23 -3.59 -39.40
C LYS B 82 -12.78 -4.82 -38.70
N ALA B 83 -12.25 -6.00 -39.04
CA ALA B 83 -12.69 -7.22 -38.36
C ALA B 83 -12.35 -7.16 -36.88
N LEU B 84 -11.12 -6.78 -36.55
CA LEU B 84 -10.73 -6.64 -35.15
C LEU B 84 -11.56 -5.58 -34.45
N TRP B 85 -11.89 -4.49 -35.15
CA TRP B 85 -12.74 -3.46 -34.57
C TRP B 85 -14.12 -4.01 -34.25
N GLN B 86 -14.65 -4.87 -35.12
CA GLN B 86 -15.92 -5.53 -34.83
C GLN B 86 -15.73 -6.68 -33.85
N GLN B 87 -14.60 -7.39 -33.94
CA GLN B 87 -14.34 -8.51 -33.03
C GLN B 87 -14.17 -8.04 -31.59
N THR B 88 -13.37 -6.99 -31.37
CA THR B 88 -13.16 -6.51 -30.01
C THR B 88 -14.45 -5.89 -29.45
N GLN B 89 -15.29 -5.35 -30.32
CA GLN B 89 -16.58 -4.83 -29.87
C GLN B 89 -17.44 -5.93 -29.27
N GLN B 90 -17.39 -7.13 -29.85
CA GLN B 90 -18.13 -8.24 -29.29
C GLN B 90 -17.44 -8.80 -28.04
N GLN B 91 -16.12 -8.94 -28.09
CA GLN B 91 -15.41 -9.59 -26.99
C GLN B 91 -15.41 -8.72 -25.73
N ALA B 92 -15.15 -7.43 -25.89
CA ALA B 92 -14.97 -6.52 -24.75
C ALA B 92 -16.24 -5.75 -24.42
N GLY B 93 -17.41 -6.34 -24.65
CA GLY B 93 -18.65 -5.67 -24.31
C GLY B 93 -18.72 -5.33 -22.83
N ARG B 94 -18.35 -6.29 -21.96
CA ARG B 94 -18.33 -6.01 -20.53
C ARG B 94 -17.23 -5.03 -20.18
N GLN B 95 -16.11 -5.08 -20.90
CA GLN B 95 -15.00 -4.16 -20.65
C GLN B 95 -15.40 -2.72 -20.94
N ILE B 96 -16.01 -2.47 -22.11
CA ILE B 96 -16.40 -1.11 -22.45
C ILE B 96 -17.51 -0.62 -21.52
N ALA B 97 -18.40 -1.52 -21.09
CA ALA B 97 -19.45 -1.12 -20.15
C ALA B 97 -18.86 -0.73 -18.80
N PHE B 98 -17.82 -1.44 -18.36
CA PHE B 98 -17.14 -1.08 -17.13
C PHE B 98 -16.42 0.26 -17.28
N ALA B 99 -15.70 0.43 -18.39
CA ALA B 99 -14.96 1.67 -18.62
C ALA B 99 -15.90 2.86 -18.72
N GLU B 100 -17.02 2.71 -19.44
CA GLU B 100 -17.97 3.81 -19.58
C GLU B 100 -18.59 4.17 -18.23
N ALA B 101 -18.94 3.16 -17.44
CA ALA B 101 -19.54 3.43 -16.13
C ALA B 101 -18.52 4.04 -15.18
N LEU B 102 -17.27 3.59 -15.25
CA LEU B 102 -16.24 4.11 -14.36
C LEU B 102 -15.98 5.60 -14.61
N LEU B 103 -15.78 5.98 -15.87
CA LEU B 103 -15.54 7.38 -16.19
C LEU B 103 -16.78 8.22 -15.93
N GLU B 104 -17.97 7.70 -16.31
CA GLU B 104 -19.20 8.46 -16.08
C GLU B 104 -19.45 8.64 -14.59
N LEU B 105 -19.17 7.62 -13.78
CA LEU B 105 -19.26 7.80 -12.34
C LEU B 105 -18.30 8.89 -11.86
N ASP B 106 -17.03 8.78 -12.27
CA ASP B 106 -16.02 9.75 -11.83
C ASP B 106 -16.40 11.16 -12.25
N ARG B 107 -16.98 11.32 -13.44
CA ARG B 107 -17.46 12.63 -13.85
C ARG B 107 -18.58 13.11 -12.94
N ARG B 108 -19.48 12.21 -12.57
CA ARG B 108 -20.63 12.59 -11.75
C ARG B 108 -20.20 13.07 -10.36
N LEU B 109 -19.28 12.34 -9.72
CA LEU B 109 -18.88 12.69 -8.35
C LEU B 109 -18.11 14.00 -8.32
N GLN B 110 -17.29 14.26 -9.34
CA GLN B 110 -16.55 15.52 -9.39
C GLN B 110 -17.50 16.71 -9.48
N GLN B 111 -18.66 16.53 -10.13
CA GLN B 111 -19.57 17.63 -10.36
C GLN B 111 -20.45 17.92 -9.15
N SER B 112 -20.92 16.88 -8.46
CA SER B 112 -21.99 17.02 -7.48
C SER B 112 -21.56 16.79 -6.02
N GLU B 113 -20.58 15.93 -5.77
CA GLU B 113 -20.21 15.58 -4.41
C GLU B 113 -19.12 16.54 -3.92
N THR B 114 -19.49 17.42 -2.99
CA THR B 114 -18.63 18.52 -2.57
C THR B 114 -18.32 18.50 -1.08
N GLY B 115 -18.73 17.46 -0.36
CA GLY B 115 -18.39 17.38 1.05
C GLY B 115 -19.46 16.74 1.93
N LEU B 116 -20.66 16.55 1.40
CA LEU B 116 -21.69 15.85 2.16
C LEU B 116 -21.41 14.35 2.11
N SER B 117 -22.21 13.59 2.86
CA SER B 117 -22.00 12.15 2.93
C SER B 117 -22.16 11.53 1.54
N LEU B 118 -21.38 10.48 1.29
CA LEU B 118 -21.40 9.76 0.03
C LEU B 118 -22.19 8.48 0.11
N ASP B 119 -22.97 8.27 1.18
CA ASP B 119 -23.66 7.01 1.37
C ASP B 119 -24.65 6.74 0.25
N HIS B 120 -25.26 7.79 -0.31
CA HIS B 120 -26.24 7.61 -1.38
C HIS B 120 -25.61 7.05 -2.66
N ILE B 121 -24.30 7.22 -2.85
CA ILE B 121 -23.67 6.85 -4.11
C ILE B 121 -23.78 5.35 -4.35
N TYR B 122 -23.63 4.55 -3.28
CA TYR B 122 -23.61 3.10 -3.46
C TYR B 122 -24.95 2.56 -3.94
N ALA B 123 -26.05 3.24 -3.59
CA ALA B 123 -27.37 2.82 -4.05
C ALA B 123 -27.55 3.05 -5.54
N GLU B 124 -26.92 4.09 -6.10
CA GLU B 124 -27.06 4.44 -7.51
C GLU B 124 -25.88 3.95 -8.34
N LEU B 125 -25.14 2.95 -7.85
CA LEU B 125 -24.01 2.42 -8.60
C LEU B 125 -24.48 1.56 -9.76
N PRO B 126 -24.00 1.81 -10.97
CA PRO B 126 -24.30 0.90 -12.09
C PRO B 126 -23.78 -0.50 -11.82
N GLU B 127 -24.42 -1.48 -12.46
CA GLU B 127 -24.05 -2.88 -12.24
C GLU B 127 -22.57 -3.18 -12.51
N PRO B 128 -21.92 -2.63 -13.54
CA PRO B 128 -20.48 -2.95 -13.72
C PRO B 128 -19.60 -2.57 -12.55
N LEU B 129 -20.03 -1.66 -11.67
CA LEU B 129 -19.18 -1.19 -10.58
C LEU B 129 -19.60 -1.69 -9.21
N GLN B 130 -20.74 -2.35 -9.08
CA GLN B 130 -21.26 -2.72 -7.76
C GLN B 130 -20.32 -3.66 -7.03
N GLY B 131 -20.03 -3.33 -5.77
CA GLY B 131 -19.15 -4.14 -4.94
C GLY B 131 -17.68 -4.07 -5.31
N LEU B 132 -17.32 -3.20 -6.25
CA LEU B 132 -15.95 -3.13 -6.72
C LEU B 132 -15.29 -1.77 -6.50
N VAL B 133 -16.04 -0.75 -6.12
CA VAL B 133 -15.51 0.60 -5.97
C VAL B 133 -15.94 1.16 -4.62
N GLU B 134 -15.02 1.82 -3.93
CA GLU B 134 -15.32 2.57 -2.72
C GLU B 134 -15.16 4.05 -3.03
N VAL B 135 -16.16 4.83 -2.67
CA VAL B 135 -16.14 6.27 -2.86
C VAL B 135 -15.65 6.91 -1.57
N SER B 136 -14.75 7.88 -1.70
CA SER B 136 -14.17 8.52 -0.53
C SER B 136 -13.78 9.95 -0.88
N TYR B 137 -13.44 10.72 0.14
CA TYR B 137 -12.98 12.10 0.01
C TYR B 137 -11.52 12.20 0.41
N ASP B 138 -10.83 13.19 -0.15
CA ASP B 138 -9.55 13.58 0.42
C ASP B 138 -9.83 14.58 1.54
N LEU B 139 -8.80 15.22 2.07
CA LEU B 139 -9.00 16.15 3.17
C LEU B 139 -9.55 17.49 2.71
N HIS B 140 -9.95 17.63 1.45
CA HIS B 140 -10.48 18.88 0.92
C HIS B 140 -11.78 18.65 0.15
N ASN B 141 -12.52 17.60 0.51
CA ASN B 141 -13.86 17.33 -0.01
C ASN B 141 -13.84 17.05 -1.52
N HIS B 142 -12.72 16.59 -2.06
CA HIS B 142 -12.69 16.14 -3.44
C HIS B 142 -12.88 14.64 -3.47
N PRO B 143 -13.86 14.12 -4.21
CA PRO B 143 -14.12 12.68 -4.20
C PRO B 143 -13.10 11.91 -5.02
N SER B 144 -12.80 10.70 -4.56
CA SER B 144 -11.93 9.77 -5.26
C SER B 144 -12.60 8.42 -5.37
N LEU B 145 -12.26 7.70 -6.43
CA LEU B 145 -12.75 6.34 -6.65
C LEU B 145 -11.61 5.36 -6.40
N ARG B 146 -11.81 4.45 -5.47
CA ARG B 146 -10.85 3.39 -5.20
C ARG B 146 -11.48 2.08 -5.65
N LEU B 147 -10.93 1.49 -6.69
CA LEU B 147 -11.39 0.20 -7.16
C LEU B 147 -10.85 -0.87 -6.22
N ILE B 148 -11.70 -1.78 -5.79
CA ILE B 148 -11.21 -2.90 -5.01
C ILE B 148 -10.60 -3.87 -6.00
N GLU B 149 -9.34 -3.60 -6.36
CA GLU B 149 -8.70 -4.36 -7.43
C GLU B 149 -8.62 -5.84 -7.07
N GLU B 150 -8.42 -6.15 -5.79
CA GLU B 150 -8.36 -7.54 -5.37
C GLU B 150 -9.67 -8.26 -5.67
N LEU B 151 -10.80 -7.55 -5.60
CA LEU B 151 -12.08 -8.13 -6.01
C LEU B 151 -12.30 -8.06 -7.52
N LEU B 152 -11.77 -7.03 -8.18
CA LEU B 152 -11.96 -6.90 -9.63
C LEU B 152 -11.27 -8.04 -10.37
N TYR B 153 -10.08 -8.45 -9.91
CA TYR B 153 -9.36 -9.50 -10.60
C TYR B 153 -10.09 -10.84 -10.57
N LEU B 154 -11.09 -10.99 -9.70
CA LEU B 154 -11.92 -12.19 -9.65
C LEU B 154 -13.26 -12.01 -10.35
N GLU B 155 -13.47 -10.88 -11.02
CA GLU B 155 -14.68 -10.66 -11.81
C GLU B 155 -14.70 -11.59 -13.02
N ASP B 156 -15.90 -11.84 -13.54
CA ASP B 156 -16.07 -12.87 -14.56
C ASP B 156 -15.42 -12.51 -15.89
N TRP B 157 -15.37 -11.22 -16.25
CA TRP B 157 -14.73 -10.85 -17.50
C TRP B 157 -13.23 -10.66 -17.38
N VAL B 158 -12.67 -10.90 -16.20
CA VAL B 158 -11.21 -10.94 -16.04
C VAL B 158 -10.79 -12.39 -16.14
N ASP B 159 -10.59 -12.85 -17.38
CA ASP B 159 -10.21 -14.22 -17.67
C ASP B 159 -9.11 -14.21 -18.71
N GLY B 160 -8.71 -15.40 -19.17
CA GLY B 160 -7.68 -15.50 -20.17
C GLY B 160 -8.11 -15.25 -21.59
N ALA B 161 -9.36 -14.86 -21.81
CA ALA B 161 -9.85 -14.64 -23.16
C ALA B 161 -9.13 -13.48 -23.83
N GLY B 162 -8.78 -13.68 -25.11
CA GLY B 162 -8.09 -12.66 -25.88
C GLY B 162 -6.58 -12.68 -25.75
N GLN B 163 -6.04 -13.38 -24.76
CA GLN B 163 -4.60 -13.46 -24.57
C GLN B 163 -4.00 -14.48 -25.52
N GLU B 164 -3.07 -14.02 -26.37
CA GLU B 164 -2.40 -14.89 -27.33
C GLU B 164 -0.91 -14.56 -27.30
N ILE B 165 -0.15 -15.29 -28.12
CA ILE B 165 1.28 -15.07 -28.29
C ILE B 165 1.60 -15.14 -29.77
N ALA B 166 2.42 -14.21 -30.24
CA ALA B 166 2.75 -14.09 -31.65
C ALA B 166 4.20 -14.52 -31.86
N PHE B 167 4.38 -15.72 -32.41
CA PHE B 167 5.70 -16.17 -32.83
C PHE B 167 6.09 -15.46 -34.12
N SER B 168 7.28 -14.87 -34.13
CA SER B 168 7.80 -14.23 -35.33
C SER B 168 9.31 -14.31 -35.30
N LEU B 169 9.91 -14.35 -36.49
CA LEU B 169 11.35 -14.39 -36.64
C LEU B 169 11.94 -13.06 -37.08
N ASP B 170 11.11 -12.07 -37.36
CA ASP B 170 11.62 -10.81 -37.85
C ASP B 170 12.42 -10.11 -36.77
N LYS B 171 13.38 -9.31 -37.21
CA LYS B 171 14.24 -8.64 -36.25
C LYS B 171 13.43 -7.69 -35.42
N GLU B 172 13.93 -7.45 -34.20
CA GLU B 172 13.17 -6.52 -33.37
C GLU B 172 13.03 -5.22 -34.11
N GLU B 173 13.99 -4.95 -35.01
CA GLU B 173 13.99 -3.74 -35.82
C GLU B 173 12.72 -3.60 -36.68
N GLU B 174 12.00 -4.69 -36.95
CA GLU B 174 10.77 -4.55 -37.73
C GLU B 174 9.51 -4.32 -36.88
N ARG B 175 9.59 -4.44 -35.54
CA ARG B 175 8.38 -4.34 -34.72
C ARG B 175 7.66 -3.01 -34.90
N ALA B 176 6.33 -3.06 -34.95
CA ALA B 176 5.53 -1.85 -34.93
C ALA B 176 5.47 -1.28 -33.51
N PHE B 177 5.18 0.02 -33.41
CA PHE B 177 5.09 0.64 -32.09
C PHE B 177 4.06 -0.09 -31.23
N PHE B 178 4.33 -0.18 -29.93
CA PHE B 178 3.66 -1.17 -29.10
C PHE B 178 2.17 -0.87 -28.92
N MET B 179 1.83 0.39 -28.61
CA MET B 179 0.43 0.75 -28.44
C MET B 179 -0.14 1.46 -29.65
N ASN B 180 0.67 1.71 -30.68
CA ASN B 180 0.18 2.33 -31.90
C ASN B 180 -0.65 1.34 -32.71
N THR B 181 -0.10 0.15 -32.94
CA THR B 181 -0.50 -0.71 -34.02
C THR B 181 -0.86 -2.10 -33.50
N PRO B 182 -2.05 -2.61 -33.80
CA PRO B 182 -2.37 -3.98 -33.44
C PRO B 182 -1.66 -4.96 -34.35
N ARG B 183 -1.37 -6.14 -33.81
CA ARG B 183 -0.68 -7.19 -34.56
C ARG B 183 -1.75 -8.02 -35.26
N VAL B 184 -2.16 -7.58 -36.45
CA VAL B 184 -3.12 -8.32 -37.26
C VAL B 184 -2.43 -9.53 -37.88
N ASP B 185 -3.21 -10.47 -38.38
CA ASP B 185 -2.64 -11.66 -39.01
C ASP B 185 -1.81 -11.25 -40.23
N ALA B 186 -0.60 -11.79 -40.31
CA ALA B 186 0.33 -11.43 -41.36
C ALA B 186 1.27 -12.60 -41.59
N PRO B 187 1.90 -12.68 -42.76
CA PRO B 187 2.89 -13.74 -42.99
C PRO B 187 4.08 -13.59 -42.06
N GLY B 188 4.65 -14.73 -41.69
CA GLY B 188 5.75 -14.76 -40.74
C GLY B 188 5.36 -14.55 -39.30
N ARG B 189 4.08 -14.27 -39.03
CA ARG B 189 3.58 -14.13 -37.67
C ARG B 189 2.52 -15.19 -37.42
N MET B 190 2.79 -16.09 -36.48
CA MET B 190 1.85 -17.14 -36.11
C MET B 190 1.35 -16.88 -34.70
N VAL B 191 0.07 -16.55 -34.59
CA VAL B 191 -0.54 -16.19 -33.31
C VAL B 191 -1.18 -17.44 -32.70
N VAL B 192 -0.80 -17.77 -31.48
CA VAL B 192 -1.26 -18.96 -30.78
C VAL B 192 -2.02 -18.52 -29.54
N PRO B 193 -3.26 -18.98 -29.35
CA PRO B 193 -4.01 -18.65 -28.12
C PRO B 193 -3.40 -19.35 -26.90
N LEU B 194 -3.03 -18.57 -25.90
CA LEU B 194 -2.46 -19.09 -24.67
C LEU B 194 -2.55 -18.05 -23.56
N PRO B 195 -3.33 -18.31 -22.51
CA PRO B 195 -3.42 -17.35 -21.39
C PRO B 195 -2.06 -17.13 -20.75
N PHE B 196 -1.83 -15.89 -20.31
CA PHE B 196 -0.51 -15.54 -19.80
C PHE B 196 -0.18 -16.28 -18.52
N ALA B 197 -1.17 -16.45 -17.63
CA ALA B 197 -0.95 -17.18 -16.39
C ALA B 197 -1.02 -18.68 -16.57
N ASP B 198 -1.19 -19.18 -17.79
CA ASP B 198 -1.32 -20.61 -18.01
C ASP B 198 0.00 -21.33 -17.73
N ALA B 199 -0.10 -22.52 -17.15
CA ALA B 199 1.10 -23.30 -16.87
C ALA B 199 1.85 -23.69 -18.14
N ARG B 200 1.12 -23.86 -19.25
CA ARG B 200 1.75 -24.22 -20.51
C ARG B 200 2.78 -23.17 -20.94
N PHE B 201 2.56 -21.92 -20.57
CA PHE B 201 3.52 -20.88 -20.91
C PHE B 201 4.89 -21.17 -20.31
N ASP B 202 4.91 -21.68 -19.07
CA ASP B 202 6.19 -22.03 -18.44
C ASP B 202 6.90 -23.12 -19.22
N LEU B 203 6.13 -24.07 -19.77
CA LEU B 203 6.72 -25.14 -20.58
C LEU B 203 7.36 -24.58 -21.85
N LEU B 204 6.74 -23.56 -22.44
CA LEU B 204 7.32 -22.92 -23.63
C LEU B 204 8.60 -22.17 -23.29
N SER B 205 8.62 -21.47 -22.15
CA SER B 205 9.82 -20.73 -21.75
C SER B 205 10.99 -21.66 -21.47
N ALA B 206 10.71 -22.90 -21.03
CA ALA B 206 11.78 -23.86 -20.80
C ALA B 206 12.49 -24.21 -22.09
N SER B 207 11.77 -24.18 -23.21
CA SER B 207 12.32 -24.49 -24.52
C SER B 207 13.29 -23.43 -25.02
N ARG B 208 13.47 -22.33 -24.26
CA ARG B 208 14.49 -21.35 -24.63
C ARG B 208 15.89 -21.92 -24.42
N LEU B 209 16.12 -22.59 -23.29
CA LEU B 209 17.44 -23.09 -22.94
C LEU B 209 17.52 -24.61 -22.86
N SER B 210 16.40 -25.32 -22.81
CA SER B 210 16.42 -26.77 -22.74
C SER B 210 15.58 -27.35 -23.88
N SER B 211 16.04 -28.47 -24.43
CA SER B 211 15.36 -29.09 -25.56
C SER B 211 14.07 -29.79 -25.13
N VAL B 212 13.04 -29.65 -25.95
CA VAL B 212 11.74 -30.28 -25.73
C VAL B 212 11.30 -30.90 -27.04
N SER B 213 10.57 -32.01 -26.95
CA SER B 213 10.03 -32.64 -28.14
C SER B 213 9.01 -31.73 -28.82
N PHE B 214 9.22 -31.46 -30.11
CA PHE B 214 8.32 -30.57 -30.82
C PHE B 214 6.90 -31.09 -30.81
N SER B 215 6.73 -32.38 -31.08
CA SER B 215 5.38 -32.96 -31.09
C SER B 215 4.73 -32.84 -29.71
N GLN B 216 5.51 -33.05 -28.65
CA GLN B 216 4.99 -32.89 -27.30
C GLN B 216 4.64 -31.43 -27.00
N LEU B 217 5.49 -30.50 -27.43
CA LEU B 217 5.23 -29.08 -27.16
C LEU B 217 4.01 -28.60 -27.94
N ALA B 218 3.93 -28.94 -29.23
CA ALA B 218 2.78 -28.52 -30.02
C ALA B 218 1.49 -29.13 -29.50
N ASP B 219 1.58 -30.34 -28.91
CA ASP B 219 0.40 -30.96 -28.32
C ASP B 219 -0.10 -30.18 -27.13
N ALA B 220 0.80 -29.71 -26.26
CA ALA B 220 0.37 -28.92 -25.11
C ALA B 220 -0.27 -27.61 -25.56
N LEU B 221 0.38 -26.91 -26.49
CA LEU B 221 -0.13 -25.63 -26.94
C LEU B 221 -1.30 -25.78 -27.90
N GLU B 222 -1.77 -27.01 -28.12
CA GLU B 222 -2.99 -27.28 -28.87
C GLU B 222 -2.87 -26.74 -30.29
N ILE B 223 -1.67 -26.86 -30.86
CA ILE B 223 -1.42 -26.41 -32.22
C ILE B 223 -2.05 -27.42 -33.15
N PRO B 224 -3.06 -27.03 -33.93
CA PRO B 224 -3.67 -27.96 -34.87
C PRO B 224 -2.63 -28.52 -35.83
N GLU B 225 -2.74 -29.82 -36.12
CA GLU B 225 -1.75 -30.48 -36.93
C GLU B 225 -1.63 -29.87 -38.32
N ASP B 226 -2.65 -29.12 -38.77
CA ASP B 226 -2.50 -28.36 -40.01
C ASP B 226 -1.46 -27.27 -39.86
N GLN B 227 -1.37 -26.67 -38.67
CA GLN B 227 -0.46 -25.58 -38.40
C GLN B 227 0.92 -26.02 -37.91
N ARG B 228 1.11 -27.31 -37.68
CA ARG B 228 2.36 -27.75 -37.05
C ARG B 228 3.56 -27.65 -37.98
N PRO B 229 3.46 -27.95 -39.28
CA PRO B 229 4.59 -27.64 -40.17
C PRO B 229 5.04 -26.19 -40.11
N ALA B 230 4.09 -25.25 -40.03
CA ALA B 230 4.47 -23.84 -39.93
C ALA B 230 5.00 -23.47 -38.55
N PHE B 231 4.50 -24.13 -37.49
CA PHE B 231 4.98 -23.85 -36.15
C PHE B 231 6.42 -24.28 -35.96
N ARG B 232 6.85 -25.30 -36.70
CA ARG B 232 8.22 -25.80 -36.62
C ARG B 232 9.24 -24.78 -37.08
N GLU B 233 8.82 -23.76 -37.82
CA GLU B 233 9.77 -22.75 -38.33
C GLU B 233 10.40 -21.95 -37.21
N TYR B 234 9.73 -21.79 -36.08
CA TYR B 234 10.23 -20.99 -34.97
C TYR B 234 11.11 -21.75 -34.01
N PHE B 235 11.45 -23.00 -34.35
CA PHE B 235 12.21 -23.86 -33.46
C PHE B 235 13.41 -24.43 -34.20
N THR B 236 14.45 -24.79 -33.44
CA THR B 236 15.67 -25.31 -34.01
C THR B 236 16.21 -26.43 -33.13
N THR B 237 16.87 -27.40 -33.77
CA THR B 237 17.48 -28.49 -33.03
C THR B 237 18.75 -28.04 -32.31
N SER B 238 19.40 -26.99 -32.82
CA SER B 238 20.60 -26.47 -32.19
C SER B 238 20.28 -25.72 -30.90
N ALA B 239 21.18 -25.81 -29.94
CA ALA B 239 21.05 -25.08 -28.69
C ALA B 239 21.48 -23.63 -28.87
N PRO B 240 20.92 -22.71 -28.07
CA PRO B 240 21.29 -21.29 -28.21
C PRO B 240 22.67 -21.02 -27.66
N GLN B 241 23.34 -20.04 -28.27
CA GLN B 241 24.66 -19.60 -27.83
C GLN B 241 24.52 -18.54 -26.75
N ARG B 242 25.36 -18.63 -25.72
CA ARG B 242 25.30 -17.75 -24.56
C ARG B 242 26.67 -17.19 -24.25
N ASN B 243 26.74 -15.87 -23.99
CA ASN B 243 27.99 -15.17 -23.75
C ASN B 243 28.21 -15.03 -22.25
N GLU B 244 28.86 -16.03 -21.66
CA GLU B 244 29.19 -16.04 -20.24
C GLU B 244 28.00 -15.69 -19.35
N PRO B 245 26.91 -16.47 -19.43
CA PRO B 245 25.71 -16.12 -18.64
C PRO B 245 25.95 -16.14 -17.14
N GLU B 246 26.66 -17.15 -16.63
CA GLU B 246 26.90 -17.27 -15.20
C GLU B 246 28.09 -16.40 -14.80
N TYR B 247 28.30 -16.29 -13.49
CA TYR B 247 29.44 -15.57 -12.95
C TYR B 247 29.88 -16.24 -11.65
N GLU B 248 31.14 -16.66 -11.61
CA GLU B 248 31.70 -17.30 -10.43
C GLU B 248 32.92 -16.56 -9.90
N GLY B 249 33.08 -15.28 -10.28
CA GLY B 249 34.21 -14.51 -9.81
C GLY B 249 33.98 -13.90 -8.44
N ASP B 250 35.09 -13.63 -7.75
CA ASP B 250 35.04 -13.06 -6.41
C ASP B 250 34.66 -11.58 -6.40
N GLY B 251 34.54 -10.96 -7.56
CA GLY B 251 34.14 -9.57 -7.66
C GLY B 251 32.66 -9.42 -7.87
N VAL B 252 32.29 -8.31 -8.52
CA VAL B 252 30.91 -8.03 -8.88
C VAL B 252 30.88 -7.67 -10.36
N ARG B 253 30.16 -8.45 -11.16
CA ARG B 253 30.03 -8.19 -12.58
C ARG B 253 28.71 -7.47 -12.85
N VAL B 254 28.79 -6.33 -13.53
CA VAL B 254 27.63 -5.57 -13.94
C VAL B 254 27.52 -5.67 -15.45
N ARG B 255 26.31 -5.95 -15.94
CA ARG B 255 26.07 -6.11 -17.37
C ARG B 255 24.93 -5.18 -17.78
N TYR B 256 25.22 -4.29 -18.73
CA TYR B 256 24.23 -3.35 -19.25
C TYR B 256 23.61 -3.96 -20.51
N PHE B 257 22.32 -4.28 -20.43
CA PHE B 257 21.60 -4.92 -21.53
C PHE B 257 20.86 -3.94 -22.42
N GLY B 258 20.99 -2.65 -22.18
CA GLY B 258 20.29 -1.66 -22.96
C GLY B 258 19.28 -0.90 -22.11
N HIS B 259 19.11 0.38 -22.44
CA HIS B 259 18.17 1.27 -21.76
C HIS B 259 18.37 1.27 -20.26
N ALA B 260 17.38 0.77 -19.51
CA ALA B 260 17.44 0.71 -18.06
C ALA B 260 17.63 -0.70 -17.53
N CYS B 261 17.86 -1.68 -18.41
CA CYS B 261 18.05 -3.07 -18.00
C CYS B 261 19.49 -3.27 -17.61
N VAL B 262 19.74 -3.57 -16.33
CA VAL B 262 21.09 -3.77 -15.83
C VAL B 262 21.08 -4.98 -14.90
N LEU B 263 22.03 -5.89 -15.11
CA LEU B 263 22.20 -7.07 -14.29
C LEU B 263 23.43 -6.90 -13.42
N VAL B 264 23.28 -7.16 -12.12
CA VAL B 264 24.39 -7.15 -11.18
C VAL B 264 24.57 -8.57 -10.65
N GLN B 265 25.81 -9.01 -10.58
CA GLN B 265 26.12 -10.41 -10.28
C GLN B 265 27.35 -10.50 -9.40
N THR B 266 27.21 -11.13 -8.24
CA THR B 266 28.33 -11.73 -7.55
C THR B 266 28.31 -13.22 -7.82
N ALA B 267 29.27 -13.94 -7.26
CA ALA B 267 29.24 -15.39 -7.42
C ALA B 267 28.14 -16.06 -6.60
N GLU B 268 27.36 -15.29 -5.84
CA GLU B 268 26.38 -15.86 -4.93
C GLU B 268 24.97 -15.29 -5.06
N VAL B 269 24.76 -14.22 -5.83
CA VAL B 269 23.43 -13.65 -5.99
C VAL B 269 23.40 -12.84 -7.28
N SER B 270 22.21 -12.71 -7.87
CA SER B 270 22.01 -11.96 -9.11
C SER B 270 20.80 -11.05 -8.95
N VAL B 271 20.94 -9.80 -9.38
CA VAL B 271 19.88 -8.81 -9.31
C VAL B 271 19.67 -8.21 -10.70
N LEU B 272 18.44 -8.29 -11.21
CA LEU B 272 18.10 -7.78 -12.53
C LEU B 272 17.21 -6.55 -12.37
N VAL B 273 17.62 -5.42 -12.96
CA VAL B 273 16.92 -4.16 -12.86
C VAL B 273 16.21 -3.90 -14.19
N ASP B 274 14.89 -3.72 -14.14
CA ASP B 274 14.06 -3.34 -15.28
C ASP B 274 14.33 -4.23 -16.49
N PRO B 275 13.89 -5.51 -16.47
CA PRO B 275 14.24 -6.43 -17.55
C PRO B 275 13.60 -6.07 -18.89
N PHE B 276 14.41 -5.57 -19.82
CA PHE B 276 14.02 -5.38 -21.21
C PHE B 276 15.13 -5.93 -22.09
N LEU B 277 14.88 -7.05 -22.76
CA LEU B 277 15.93 -7.79 -23.42
C LEU B 277 15.72 -7.85 -24.93
N THR B 278 16.77 -8.25 -25.63
CA THR B 278 16.75 -8.50 -27.06
C THR B 278 16.99 -9.98 -27.32
N TRP B 279 16.37 -10.49 -28.38
CA TRP B 279 16.61 -11.85 -28.84
C TRP B 279 17.39 -11.88 -30.15
N ASP B 280 17.75 -10.73 -30.70
CA ASP B 280 18.60 -10.64 -31.88
C ASP B 280 20.05 -10.44 -31.43
N HIS B 281 20.93 -11.33 -31.87
CA HIS B 281 22.36 -11.17 -31.64
C HIS B 281 22.98 -10.30 -32.71
N GLN B 282 23.90 -9.43 -32.30
CA GLN B 282 24.71 -8.65 -33.24
C GLN B 282 26.04 -8.32 -32.59
N PRO B 283 27.12 -9.02 -32.97
CA PRO B 283 28.42 -8.74 -32.34
C PRO B 283 28.97 -7.37 -32.71
N GLU B 284 28.58 -6.81 -33.86
CA GLU B 284 29.06 -5.49 -34.25
C GLU B 284 28.66 -4.45 -33.20
N GLN B 285 27.42 -4.52 -32.72
CA GLN B 285 26.97 -3.69 -31.61
C GLN B 285 27.36 -4.28 -30.26
N GLY B 286 27.95 -5.49 -30.25
CA GLY B 286 28.34 -6.15 -29.03
C GLY B 286 27.17 -6.39 -28.10
N ARG B 287 26.09 -6.94 -28.65
CA ARG B 287 24.85 -7.05 -27.89
C ARG B 287 24.97 -8.10 -26.80
N LEU B 288 24.38 -7.79 -25.65
CA LEU B 288 24.07 -8.78 -24.62
C LEU B 288 22.59 -9.09 -24.78
N THR B 289 22.27 -10.36 -24.99
CA THR B 289 20.91 -10.77 -25.36
C THR B 289 20.22 -11.46 -24.20
N PHE B 290 18.95 -11.82 -24.43
CA PHE B 290 18.15 -12.52 -23.44
C PHE B 290 18.86 -13.77 -22.92
N TYR B 291 19.52 -14.49 -23.81
CA TYR B 291 20.18 -15.74 -23.42
C TYR B 291 21.38 -15.48 -22.53
N ASP B 292 21.93 -14.28 -22.53
CA ASP B 292 23.13 -14.01 -21.76
C ASP B 292 22.85 -13.75 -20.29
N LEU B 293 21.61 -13.88 -19.85
CA LEU B 293 21.29 -13.79 -18.45
C LEU B 293 21.57 -15.13 -17.77
N PRO B 294 21.85 -15.13 -16.47
CA PRO B 294 22.10 -16.40 -15.78
C PRO B 294 20.85 -17.27 -15.81
N ASP B 295 21.05 -18.57 -15.58
CA ASP B 295 19.93 -19.50 -15.62
C ASP B 295 18.90 -19.17 -14.54
N HIS B 296 19.35 -18.69 -13.39
CA HIS B 296 18.45 -18.26 -12.32
C HIS B 296 18.76 -16.82 -11.95
N ILE B 297 17.72 -16.01 -11.85
CA ILE B 297 17.84 -14.62 -11.44
C ILE B 297 17.24 -14.49 -10.04
N ASP B 298 18.10 -14.30 -9.04
CA ASP B 298 17.64 -14.27 -7.66
C ASP B 298 16.58 -13.19 -7.46
N TYR B 299 16.87 -11.97 -7.92
CA TYR B 299 15.97 -10.84 -7.70
C TYR B 299 15.81 -10.04 -8.98
N VAL B 300 14.57 -9.81 -9.38
CA VAL B 300 14.24 -8.89 -10.46
C VAL B 300 13.61 -7.66 -9.82
N PHE B 301 14.20 -6.49 -10.09
CA PHE B 301 13.74 -5.24 -9.49
C PHE B 301 13.07 -4.38 -10.55
N LEU B 302 11.83 -4.00 -10.31
CA LEU B 302 11.03 -3.18 -11.23
C LEU B 302 10.90 -1.78 -10.64
N THR B 303 11.55 -0.80 -11.28
CA THR B 303 11.54 0.56 -10.75
C THR B 303 10.13 1.15 -10.76
N HIS B 304 9.47 1.13 -11.90
CA HIS B 304 8.13 1.69 -11.98
C HIS B 304 7.35 0.97 -13.08
N ASN B 305 6.14 1.47 -13.33
CA ASN B 305 5.17 0.78 -14.19
C ASN B 305 5.04 1.46 -15.54
N HIS B 306 6.15 1.60 -16.27
CA HIS B 306 6.12 2.10 -17.64
C HIS B 306 6.54 0.99 -18.59
N GLN B 307 6.07 1.10 -19.83
CA GLN B 307 6.23 0.00 -20.79
C GLN B 307 7.70 -0.31 -21.06
N ASP B 308 8.60 0.67 -20.95
CA ASP B 308 10.01 0.44 -21.24
C ASP B 308 10.79 -0.08 -20.04
N HIS B 309 10.13 -0.29 -18.90
CA HIS B 309 10.78 -0.89 -17.75
C HIS B 309 10.06 -2.13 -17.22
N PHE B 310 8.85 -2.42 -17.72
CA PHE B 310 8.00 -3.51 -17.24
C PHE B 310 7.54 -4.28 -18.48
N SER B 311 8.37 -5.22 -18.95
CA SER B 311 8.11 -5.95 -20.18
C SER B 311 7.54 -7.33 -19.86
N CYS B 312 6.23 -7.50 -20.10
CA CYS B 312 5.63 -8.82 -19.96
C CYS B 312 6.29 -9.83 -20.90
N GLU B 313 6.82 -9.35 -22.03
CA GLU B 313 7.53 -10.24 -22.95
C GLU B 313 8.76 -10.84 -22.30
N ALA B 314 9.56 -10.00 -21.62
CA ALA B 314 10.76 -10.50 -20.97
C ALA B 314 10.40 -11.31 -19.72
N LEU B 315 9.39 -10.87 -18.98
CA LEU B 315 9.07 -11.53 -17.72
C LEU B 315 8.38 -12.88 -17.94
N LEU B 316 7.60 -13.02 -19.01
CA LEU B 316 6.85 -14.27 -19.19
C LEU B 316 7.79 -15.43 -19.49
N GLN B 317 8.82 -15.20 -20.30
CA GLN B 317 9.79 -16.25 -20.59
C GLN B 317 10.76 -16.47 -19.44
N LEU B 318 10.80 -15.57 -18.47
CA LEU B 318 11.64 -15.73 -17.30
C LEU B 318 10.88 -16.35 -16.14
N ARG B 319 9.64 -16.78 -16.36
CA ARG B 319 8.85 -17.37 -15.29
C ARG B 319 9.51 -18.66 -14.84
N GLY B 320 9.52 -18.89 -13.53
CA GLY B 320 10.22 -20.01 -12.97
C GLY B 320 11.72 -19.84 -12.89
N ARG B 321 12.25 -18.74 -13.44
CA ARG B 321 13.68 -18.46 -13.40
C ARG B 321 14.04 -17.34 -12.43
N ILE B 322 13.05 -16.72 -11.81
CA ILE B 322 13.24 -15.55 -10.96
C ILE B 322 12.87 -15.93 -9.52
N GLY B 323 13.79 -15.69 -8.59
CA GLY B 323 13.49 -16.00 -7.20
C GLY B 323 12.39 -15.12 -6.64
N HIS B 324 12.53 -13.81 -6.78
CA HIS B 324 11.52 -12.87 -6.31
C HIS B 324 11.54 -11.63 -7.18
N ILE B 325 10.35 -11.14 -7.54
CA ILE B 325 10.20 -9.87 -8.25
C ILE B 325 9.83 -8.80 -7.24
N LEU B 326 10.57 -7.70 -7.25
CA LEU B 326 10.40 -6.61 -6.29
C LEU B 326 9.67 -5.45 -6.95
N VAL B 327 8.53 -5.07 -6.40
CA VAL B 327 7.69 -4.04 -6.99
C VAL B 327 7.37 -2.98 -5.94
N PRO B 328 7.05 -1.77 -6.36
CA PRO B 328 6.62 -0.73 -5.44
C PRO B 328 5.11 -0.78 -5.20
N ARG B 329 4.68 -0.09 -4.14
CA ARG B 329 3.28 -0.02 -3.76
C ARG B 329 2.52 0.98 -4.62
N ASN B 330 1.24 0.68 -4.86
CA ASN B 330 0.40 1.51 -5.70
C ASN B 330 -0.64 2.25 -4.87
N ASN B 331 -1.07 3.40 -5.38
CA ASN B 331 -2.14 4.19 -4.77
C ASN B 331 -3.47 3.73 -5.35
N GLY B 332 -4.26 3.02 -4.56
CA GLY B 332 -5.52 2.49 -5.04
C GLY B 332 -6.54 3.54 -5.42
N ASN B 333 -6.33 4.79 -4.99
CA ASN B 333 -7.27 5.87 -5.27
C ASN B 333 -6.98 6.57 -6.60
N ASN B 334 -6.08 6.02 -7.42
CA ASN B 334 -5.73 6.59 -8.72
C ASN B 334 -5.93 5.53 -9.80
N PHE B 335 -6.65 5.91 -10.86
CA PHE B 335 -6.91 4.97 -11.95
C PHE B 335 -5.64 4.60 -12.69
N ALA B 336 -4.73 5.57 -12.86
CA ALA B 336 -3.50 5.33 -13.62
C ALA B 336 -2.48 4.52 -12.85
N ASP B 337 -2.78 4.10 -11.62
CA ASP B 337 -1.84 3.38 -10.75
C ASP B 337 -2.42 2.02 -10.39
N PRO B 338 -2.38 1.05 -11.30
CA PRO B 338 -2.78 -0.32 -10.92
C PRO B 338 -1.68 -1.01 -10.14
N SER B 339 -2.09 -1.95 -9.29
CA SER B 339 -1.14 -2.65 -8.44
C SER B 339 -0.22 -3.53 -9.28
N MET B 340 1.08 -3.29 -9.17
CA MET B 340 2.05 -4.06 -9.94
C MET B 340 2.17 -5.50 -9.43
N LYS B 341 1.92 -5.73 -8.14
CA LYS B 341 1.79 -7.10 -7.65
C LYS B 341 0.63 -7.81 -8.33
N LEU B 342 -0.52 -7.14 -8.46
CA LEU B 342 -1.69 -7.81 -9.01
C LEU B 342 -1.54 -8.03 -10.51
N THR B 343 -0.92 -7.07 -11.21
CA THR B 343 -0.60 -7.26 -12.62
C THR B 343 0.31 -8.46 -12.85
N LEU B 344 1.28 -8.64 -11.95
CA LEU B 344 2.20 -9.79 -12.08
C LEU B 344 1.51 -11.09 -11.72
N LYS B 345 0.55 -11.07 -10.79
CA LYS B 345 -0.19 -12.28 -10.47
C LYS B 345 -0.92 -12.80 -11.69
N ARG B 346 -1.50 -11.91 -12.48
CA ARG B 346 -2.17 -12.33 -13.71
C ARG B 346 -1.18 -12.84 -14.76
N LEU B 347 0.08 -12.44 -14.67
CA LEU B 347 1.12 -13.01 -15.52
C LEU B 347 1.71 -14.29 -14.94
N GLY B 348 1.16 -14.79 -13.84
CA GLY B 348 1.61 -16.04 -13.26
C GLY B 348 2.68 -15.93 -12.20
N PHE B 349 2.91 -14.73 -11.65
CA PHE B 349 3.94 -14.52 -10.65
C PHE B 349 3.30 -14.32 -9.29
N ASP B 350 3.60 -15.21 -8.36
CA ASP B 350 3.20 -15.04 -6.97
C ASP B 350 4.39 -14.78 -6.06
N ASN B 351 5.60 -14.85 -6.61
CA ASN B 351 6.84 -14.51 -5.90
C ASN B 351 7.10 -13.01 -5.99
N VAL B 352 6.09 -12.23 -5.63
CA VAL B 352 6.12 -10.78 -5.80
C VAL B 352 6.13 -10.15 -4.41
N ILE B 353 7.19 -9.40 -4.12
CA ILE B 353 7.35 -8.71 -2.85
C ILE B 353 7.08 -7.23 -3.09
N VAL B 354 6.02 -6.72 -2.46
CA VAL B 354 5.70 -5.29 -2.52
C VAL B 354 6.53 -4.58 -1.47
N MET B 355 7.40 -3.68 -1.90
CA MET B 355 8.37 -3.04 -1.03
C MET B 355 7.99 -1.58 -0.79
N ASP B 356 7.93 -1.20 0.48
CA ASP B 356 7.72 0.19 0.86
C ASP B 356 9.01 0.99 0.69
N GLU B 357 8.89 2.30 0.88
CA GLU B 357 10.05 3.17 0.78
C GLU B 357 11.07 2.82 1.86
N MET B 358 12.34 2.85 1.50
CA MET B 358 13.45 2.53 2.39
C MET B 358 13.39 1.11 2.93
N ALA B 359 12.50 0.28 2.40
CA ALA B 359 12.47 -1.13 2.78
C ALA B 359 13.69 -1.83 2.21
N ASP B 360 14.38 -2.59 3.06
CA ASP B 360 15.58 -3.29 2.65
C ASP B 360 15.42 -4.78 2.88
N ILE B 361 16.11 -5.56 2.05
CA ILE B 361 16.19 -7.01 2.19
C ILE B 361 17.66 -7.40 2.16
N THR B 362 18.01 -8.39 2.96
CA THR B 362 19.39 -8.83 3.06
C THR B 362 19.75 -9.76 1.89
N LEU B 363 20.94 -9.54 1.34
CA LEU B 363 21.48 -10.35 0.25
C LEU B 363 22.75 -11.04 0.71
N PRO B 364 23.17 -12.11 0.02
CA PRO B 364 24.52 -12.63 0.23
C PRO B 364 25.54 -11.54 0.02
N ASP B 365 26.33 -11.26 1.07
CA ASP B 365 27.41 -10.28 1.02
C ASP B 365 26.88 -8.88 0.74
N GLY B 366 25.69 -8.56 1.24
CA GLY B 366 25.19 -7.20 1.11
C GLY B 366 23.68 -7.16 1.31
N ARG B 367 23.07 -6.16 0.68
CA ARG B 367 21.64 -5.91 0.80
C ARG B 367 21.22 -4.94 -0.31
N LEU B 368 19.90 -4.82 -0.49
CA LEU B 368 19.33 -3.83 -1.39
C LEU B 368 18.24 -3.05 -0.66
N VAL B 369 18.05 -1.79 -1.04
CA VAL B 369 17.09 -0.90 -0.40
C VAL B 369 16.18 -0.30 -1.47
N SER B 370 14.88 -0.25 -1.17
CA SER B 370 13.92 0.41 -2.04
C SER B 370 13.91 1.92 -1.76
N LEU B 371 14.26 2.73 -2.79
CA LEU B 371 14.43 4.16 -2.51
C LEU B 371 13.25 4.98 -3.03
N PRO B 372 12.94 6.08 -2.35
CA PRO B 372 11.92 6.99 -2.86
C PRO B 372 12.31 7.57 -4.22
N SER B 373 11.30 7.84 -5.04
CA SER B 373 11.52 8.45 -6.34
C SER B 373 10.43 9.47 -6.60
N TYR B 374 10.78 10.56 -7.28
CA TYR B 374 9.86 11.65 -7.57
C TYR B 374 9.68 11.79 -9.07
N GLY B 375 8.46 12.14 -9.48
CA GLY B 375 8.23 12.64 -10.83
C GLY B 375 8.23 11.59 -11.92
N GLU B 376 8.39 12.09 -13.15
CA GLU B 376 8.32 11.32 -14.39
C GLU B 376 6.98 10.61 -14.58
N HIS B 377 5.94 11.08 -13.89
CA HIS B 377 4.60 10.51 -14.04
C HIS B 377 3.59 11.62 -14.27
N SER B 378 4.02 12.73 -14.88
CA SER B 378 3.15 13.86 -15.21
C SER B 378 2.48 14.43 -13.96
N ASP B 379 3.22 14.43 -12.85
CA ASP B 379 2.77 15.02 -11.59
C ASP B 379 1.47 14.40 -11.10
N LEU B 380 1.24 13.14 -11.47
CA LEU B 380 0.06 12.39 -11.05
C LEU B 380 0.37 11.60 -9.78
N SER B 381 -0.67 11.38 -8.98
CA SER B 381 -0.51 10.68 -7.70
C SER B 381 -0.25 9.19 -7.91
N ILE B 382 0.72 8.84 -8.75
CA ILE B 382 1.13 7.47 -8.95
C ILE B 382 2.29 7.19 -7.99
N THR B 383 2.13 6.17 -7.15
CA THR B 383 3.15 5.83 -6.18
C THR B 383 3.91 4.57 -6.52
N SER B 384 3.54 3.88 -7.61
CA SER B 384 4.20 2.66 -8.02
C SER B 384 5.49 2.99 -8.78
N LYS B 385 6.40 3.61 -8.05
CA LYS B 385 7.73 3.95 -8.52
C LYS B 385 8.68 3.88 -7.34
N HIS B 386 9.86 3.33 -7.56
CA HIS B 386 10.88 3.31 -6.51
C HIS B 386 12.25 3.10 -7.13
N GLY B 387 13.26 3.68 -6.48
CA GLY B 387 14.64 3.45 -6.86
C GLY B 387 15.22 2.26 -6.14
N LEU B 388 16.47 1.94 -6.48
CA LEU B 388 17.15 0.77 -5.95
C LEU B 388 18.55 1.16 -5.48
N TYR B 389 18.82 0.96 -4.19
CA TYR B 389 20.18 0.95 -3.67
C TYR B 389 20.64 -0.50 -3.57
N LEU B 390 21.86 -0.77 -4.02
CA LEU B 390 22.41 -2.11 -4.05
C LEU B 390 23.82 -2.11 -3.47
N SER B 391 24.07 -2.97 -2.49
CA SER B 391 25.39 -3.14 -1.92
C SER B 391 25.75 -4.63 -1.97
N LEU B 392 26.84 -4.95 -2.67
CA LEU B 392 27.28 -6.32 -2.85
C LEU B 392 28.79 -6.37 -2.81
N LYS B 393 29.34 -7.06 -1.81
CA LYS B 393 30.79 -7.22 -1.66
C LYS B 393 31.49 -5.86 -1.68
N GLY B 394 30.93 -4.91 -0.93
CA GLY B 394 31.50 -3.59 -0.80
C GLY B 394 31.10 -2.60 -1.87
N ARG B 395 30.72 -3.07 -3.05
CA ARG B 395 30.34 -2.19 -4.14
C ARG B 395 28.92 -1.69 -3.92
N SER B 396 28.73 -0.38 -4.04
CA SER B 396 27.43 0.25 -3.79
C SER B 396 26.91 0.83 -5.10
N PHE B 397 25.64 0.55 -5.40
CA PHE B 397 24.99 0.96 -6.62
C PHE B 397 23.71 1.73 -6.30
N MET B 398 23.39 2.70 -7.13
CA MET B 398 22.12 3.41 -7.04
C MET B 398 21.53 3.50 -8.45
N PHE B 399 20.45 2.75 -8.66
CA PHE B 399 19.70 2.80 -9.92
C PHE B 399 18.48 3.68 -9.70
N LEU B 400 18.37 4.77 -10.46
CA LEU B 400 17.27 5.68 -10.31
C LEU B 400 16.33 5.71 -11.50
N ALA B 401 16.66 5.02 -12.59
CA ALA B 401 15.80 4.91 -13.77
C ALA B 401 15.51 6.33 -14.25
N ASP B 402 14.26 6.72 -14.43
CA ASP B 402 13.89 8.05 -14.92
C ASP B 402 13.56 9.02 -13.79
N SER B 403 14.11 8.80 -12.59
CA SER B 403 13.78 9.63 -11.44
C SER B 403 14.16 11.09 -11.69
N ASP B 404 13.28 11.99 -11.27
CA ASP B 404 13.48 13.43 -11.38
C ASP B 404 13.81 13.96 -9.99
N ALA B 405 15.05 14.39 -9.79
CA ALA B 405 15.49 14.88 -8.49
C ALA B 405 15.02 16.32 -8.31
N LYS B 406 13.72 16.46 -8.03
CA LYS B 406 13.16 17.77 -7.75
C LYS B 406 13.56 18.28 -6.38
N ASP B 407 13.89 17.37 -5.46
CA ASP B 407 14.20 17.72 -4.07
C ASP B 407 15.56 17.14 -3.74
N ARG B 408 16.57 18.02 -3.65
CA ARG B 408 17.93 17.57 -3.36
C ARG B 408 18.06 16.99 -1.96
N VAL B 409 17.30 17.50 -1.01
CA VAL B 409 17.38 17.03 0.37
C VAL B 409 16.82 15.63 0.52
N LEU B 410 15.92 15.22 -0.37
CA LEU B 410 15.40 13.84 -0.30
C LEU B 410 16.53 12.82 -0.42
N TYR B 411 17.40 13.00 -1.40
CA TYR B 411 18.51 12.07 -1.56
C TYR B 411 19.55 12.26 -0.47
N ARG B 412 19.66 13.46 0.08
CA ARG B 412 20.47 13.68 1.27
C ARG B 412 19.99 12.79 2.41
N ARG B 413 18.67 12.76 2.64
CA ARG B 413 18.12 11.91 3.68
C ARG B 413 18.38 10.43 3.41
N ILE B 414 18.28 10.03 2.13
CA ILE B 414 18.54 8.63 1.78
C ILE B 414 19.99 8.27 2.06
N ILE B 415 20.92 9.14 1.68
CA ILE B 415 22.34 8.85 1.86
C ILE B 415 22.68 8.75 3.34
N LYS B 416 21.96 9.49 4.18
CA LYS B 416 22.16 9.37 5.62
C LYS B 416 21.88 7.95 6.12
N GLN B 417 21.00 7.23 5.43
CA GLN B 417 20.61 5.88 5.81
C GLN B 417 21.47 4.82 5.10
N VAL B 418 21.51 4.85 3.76
CA VAL B 418 22.22 3.83 3.00
C VAL B 418 23.72 4.10 2.87
N GLY B 419 24.17 5.32 3.17
CA GLY B 419 25.58 5.66 3.02
C GLY B 419 25.90 6.15 1.63
N LYS B 420 27.19 6.43 1.42
CA LYS B 420 27.65 6.90 0.13
C LYS B 420 27.54 5.79 -0.92
N VAL B 421 27.23 6.20 -2.15
CA VAL B 421 27.12 5.29 -3.27
C VAL B 421 28.36 5.45 -4.15
N ASP B 422 28.84 4.33 -4.69
CA ASP B 422 30.00 4.36 -5.58
C ASP B 422 29.60 4.59 -7.02
N ASN B 423 28.59 3.85 -7.50
CA ASN B 423 28.16 3.90 -8.89
C ASN B 423 26.69 4.31 -8.94
N LEU B 424 26.41 5.40 -9.65
CA LEU B 424 25.05 5.91 -9.83
C LEU B 424 24.58 5.67 -11.26
N PHE B 425 23.38 5.08 -11.40
CA PHE B 425 22.73 4.89 -12.69
C PHE B 425 21.54 5.86 -12.76
N ILE B 426 21.60 6.83 -13.67
CA ILE B 426 20.60 7.88 -13.79
C ILE B 426 20.12 7.99 -15.23
N GLY B 427 18.84 8.27 -15.40
CA GLY B 427 18.27 8.58 -16.70
C GLY B 427 18.07 10.08 -16.86
N MET B 428 18.36 10.57 -18.07
CA MET B 428 18.24 11.99 -18.39
C MET B 428 17.24 12.21 -19.51
N GLU B 429 16.12 11.47 -19.47
CA GLU B 429 15.00 11.71 -20.36
C GLU B 429 14.20 12.87 -19.76
N CYS B 430 14.66 14.09 -20.07
CA CYS B 430 14.11 15.31 -19.49
C CYS B 430 13.15 16.03 -20.43
N ASP B 431 12.61 15.32 -21.42
CA ASP B 431 11.60 15.84 -22.33
C ASP B 431 10.73 14.67 -22.77
N GLY B 432 10.05 14.03 -21.81
CA GLY B 432 9.25 12.88 -22.10
C GLY B 432 7.94 13.23 -22.79
N ALA B 433 7.13 12.21 -22.99
CA ALA B 433 5.85 12.42 -23.65
C ALA B 433 4.90 13.19 -22.73
N PRO B 434 3.95 13.93 -23.30
CA PRO B 434 2.95 14.62 -22.47
C PRO B 434 2.10 13.64 -21.69
N LEU B 435 1.30 14.20 -20.77
CA LEU B 435 0.50 13.37 -19.87
C LEU B 435 -0.42 12.44 -20.65
N THR B 436 -1.13 12.98 -21.63
CA THR B 436 -2.19 12.23 -22.30
C THR B 436 -1.65 11.12 -23.19
N TRP B 437 -0.37 11.18 -23.57
CA TRP B 437 0.20 10.13 -24.40
C TRP B 437 0.07 8.77 -23.74
N LEU B 438 0.21 8.71 -22.43
CA LEU B 438 0.10 7.47 -21.68
C LEU B 438 -1.21 7.35 -20.91
N TYR B 439 -1.63 8.40 -20.22
CA TYR B 439 -2.78 8.37 -19.32
C TYR B 439 -4.01 9.04 -19.91
N GLY B 440 -4.08 9.19 -21.23
CA GLY B 440 -5.22 9.79 -21.89
C GLY B 440 -6.55 9.11 -21.61
N PRO B 441 -6.65 7.81 -21.88
CA PRO B 441 -7.93 7.11 -21.69
C PRO B 441 -8.43 7.06 -20.26
N TYR B 442 -7.62 7.50 -19.28
CA TYR B 442 -8.00 7.42 -17.88
C TYR B 442 -8.58 8.73 -17.36
N LEU B 443 -8.65 9.76 -18.19
CA LEU B 443 -9.20 11.06 -17.81
C LEU B 443 -10.70 11.09 -18.08
N SER B 444 -11.50 11.24 -17.02
CA SER B 444 -12.95 11.35 -17.20
C SER B 444 -13.31 12.68 -17.84
N ASN B 445 -12.52 13.73 -17.59
CA ASN B 445 -12.71 15.04 -18.16
C ASN B 445 -11.46 15.45 -18.93
N PRO B 446 -11.58 15.92 -20.17
CA PRO B 446 -10.37 16.22 -20.95
C PRO B 446 -9.54 17.31 -20.28
N ILE B 447 -8.24 17.27 -20.51
CA ILE B 447 -7.29 18.17 -19.87
C ILE B 447 -6.83 19.22 -20.87
N GLY B 448 -6.56 20.41 -20.34
CA GLY B 448 -6.10 21.50 -21.19
C GLY B 448 -4.72 21.25 -21.74
N ARG B 449 -4.46 21.83 -22.92
CA ARG B 449 -3.24 21.51 -23.64
C ARG B 449 -1.96 22.05 -22.99
N ARG B 450 -1.93 23.26 -22.42
CA ARG B 450 -0.68 23.66 -21.78
C ARG B 450 -0.39 22.79 -20.56
N GLU B 451 -1.44 22.53 -19.75
CA GLU B 451 -1.23 21.70 -18.58
C GLU B 451 -0.70 20.34 -19.00
N ASP B 452 -1.21 19.82 -20.12
CA ASP B 452 -0.76 18.52 -20.62
C ASP B 452 0.73 18.57 -20.96
N GLU B 453 1.17 19.64 -21.62
CA GLU B 453 2.57 19.77 -22.01
C GLU B 453 3.45 20.30 -20.88
N SER B 454 2.87 20.86 -19.82
CA SER B 454 3.67 21.29 -18.68
C SER B 454 4.12 20.10 -17.84
N ARG B 455 3.25 19.10 -17.68
CA ARG B 455 3.53 17.91 -16.88
C ARG B 455 3.80 16.75 -17.83
N ARG B 456 5.08 16.52 -18.13
CA ARG B 456 5.50 15.49 -19.06
C ARG B 456 6.16 14.34 -18.32
N LEU B 457 6.35 13.24 -19.05
CA LEU B 457 7.05 12.07 -18.52
C LEU B 457 8.56 12.34 -18.52
N SER B 458 8.95 13.35 -17.76
CA SER B 458 10.30 13.88 -17.77
C SER B 458 11.04 13.52 -16.48
N GLY B 459 12.31 13.16 -16.63
CA GLY B 459 13.19 12.83 -15.53
C GLY B 459 14.17 13.95 -15.21
N SER B 460 15.37 13.55 -14.77
CA SER B 460 16.37 14.51 -14.32
C SER B 460 17.15 15.07 -15.50
N ASP B 461 17.41 16.37 -15.46
CA ASP B 461 18.28 17.05 -16.42
C ASP B 461 19.70 17.14 -15.84
N CYS B 462 20.52 18.03 -16.37
CA CYS B 462 21.90 18.15 -15.91
C CYS B 462 21.96 18.62 -14.46
N GLU B 463 21.26 19.71 -14.13
CA GLU B 463 21.32 20.25 -12.78
C GLU B 463 20.79 19.27 -11.75
N ARG B 464 19.62 18.68 -12.00
CA ARG B 464 19.00 17.82 -11.01
C ARG B 464 19.78 16.53 -10.83
N ALA B 465 20.29 15.96 -11.92
CA ALA B 465 21.16 14.79 -11.77
C ALA B 465 22.43 15.16 -11.02
N TRP B 466 22.92 16.39 -11.20
CA TRP B 466 24.08 16.84 -10.44
C TRP B 466 23.75 17.00 -8.96
N ARG B 467 22.49 17.31 -8.63
CA ARG B 467 22.08 17.35 -7.23
C ARG B 467 22.27 15.99 -6.58
N ILE B 468 21.91 14.92 -7.30
CA ILE B 468 22.07 13.57 -6.76
C ILE B 468 23.54 13.25 -6.56
N VAL B 469 24.37 13.54 -7.57
CA VAL B 469 25.79 13.21 -7.50
C VAL B 469 26.42 13.87 -6.28
N GLU B 470 26.13 15.16 -6.07
CA GLU B 470 26.68 15.88 -4.93
C GLU B 470 26.24 15.23 -3.62
N GLU B 471 25.00 14.75 -3.57
CA GLU B 471 24.46 14.22 -2.32
C GLU B 471 24.95 12.79 -2.05
N CYS B 472 25.19 12.00 -3.08
CA CYS B 472 25.58 10.61 -2.89
C CYS B 472 27.08 10.38 -3.01
N GLY B 473 27.82 11.32 -3.60
CA GLY B 473 29.27 11.21 -3.70
C GLY B 473 29.75 9.97 -4.45
N CYS B 474 29.23 9.76 -5.65
CA CYS B 474 29.61 8.58 -6.43
C CYS B 474 30.93 8.82 -7.14
N SER B 475 31.74 7.76 -7.21
CA SER B 475 32.96 7.81 -8.01
C SER B 475 32.70 7.60 -9.49
N GLN B 476 31.57 6.98 -9.83
CA GLN B 476 31.19 6.75 -11.21
C GLN B 476 29.71 7.12 -11.38
N ALA B 477 29.40 7.81 -12.48
CA ALA B 477 28.02 8.20 -12.80
C ALA B 477 27.71 7.77 -14.23
N LEU B 478 26.71 6.91 -14.40
CA LEU B 478 26.40 6.32 -15.69
C LEU B 478 25.00 6.75 -16.14
N VAL B 479 24.94 7.41 -17.29
CA VAL B 479 23.67 7.85 -17.86
C VAL B 479 23.04 6.70 -18.65
N TYR B 480 21.90 6.21 -18.20
CA TYR B 480 21.22 5.09 -18.83
C TYR B 480 19.75 5.42 -19.01
N ALA B 481 18.99 4.47 -19.55
CA ALA B 481 17.55 4.64 -19.79
C ALA B 481 17.31 5.79 -20.77
N MET B 482 18.09 5.80 -21.85
CA MET B 482 18.02 6.83 -22.87
C MET B 482 17.29 6.37 -24.12
N GLY B 483 17.05 5.07 -24.27
CA GLY B 483 16.35 4.57 -25.44
C GLY B 483 17.17 4.66 -26.70
N GLN B 484 18.49 4.62 -26.59
CA GLN B 484 19.40 4.82 -27.72
C GLN B 484 19.66 3.54 -28.50
N GLU B 485 19.33 2.38 -27.94
CA GLU B 485 19.57 1.12 -28.62
C GLU B 485 18.45 0.81 -29.61
N SER B 486 18.79 0.05 -30.65
CA SER B 486 17.91 -0.10 -31.80
C SER B 486 16.65 -0.88 -31.47
N TRP B 487 16.77 -1.93 -30.66
CA TRP B 487 15.64 -2.83 -30.43
C TRP B 487 14.57 -2.24 -29.53
N PHE B 488 14.73 -0.98 -29.09
CA PHE B 488 13.76 -0.25 -28.28
C PHE B 488 12.87 0.69 -29.04
N ARG B 489 12.89 0.66 -30.37
CA ARG B 489 11.94 1.48 -31.13
C ARG B 489 10.51 1.72 -30.69
N PHE B 490 9.90 0.52 -30.65
CA PHE B 490 8.49 0.22 -30.58
C PHE B 490 7.99 0.42 -29.20
N VAL B 491 8.89 0.86 -28.33
CA VAL B 491 8.57 1.16 -26.95
C VAL B 491 9.00 2.58 -26.61
N VAL B 492 10.21 2.96 -27.00
CA VAL B 492 10.77 4.26 -26.66
C VAL B 492 10.61 5.28 -27.79
N GLY B 493 10.82 4.87 -29.04
CA GLY B 493 10.69 5.80 -30.15
C GLY B 493 12.01 6.11 -30.85
N LEU B 494 12.09 7.28 -31.48
CA LEU B 494 13.25 7.63 -32.29
C LEU B 494 14.51 7.71 -31.44
N GLU B 495 15.65 7.44 -32.09
CA GLU B 495 16.94 7.69 -31.45
C GLU B 495 17.21 9.19 -31.42
N TYR B 496 17.82 9.64 -30.33
CA TYR B 496 18.05 11.06 -30.13
C TYR B 496 19.28 11.51 -30.89
N THR B 497 19.10 12.50 -31.77
CA THR B 497 20.22 13.13 -32.43
C THR B 497 20.99 14.00 -31.44
N PRO B 498 22.28 14.26 -31.70
CA PRO B 498 23.08 15.01 -30.72
C PRO B 498 22.54 16.39 -30.37
N ASP B 499 21.62 16.94 -31.17
CA ASP B 499 21.05 18.24 -30.87
C ASP B 499 19.85 18.17 -29.93
N LYS B 500 19.27 16.98 -29.75
CA LYS B 500 18.10 16.85 -28.89
C LYS B 500 18.46 17.15 -27.43
N LYS B 501 17.49 17.71 -26.71
CA LYS B 501 17.73 18.17 -25.34
C LYS B 501 18.28 17.05 -24.46
N GLN B 502 17.82 15.82 -24.67
CA GLN B 502 18.25 14.70 -23.83
C GLN B 502 19.73 14.40 -24.00
N ILE B 503 20.24 14.47 -25.23
CA ILE B 503 21.65 14.18 -25.46
C ILE B 503 22.53 15.35 -25.02
N VAL B 504 22.09 16.57 -25.28
CA VAL B 504 22.88 17.74 -24.88
C VAL B 504 23.03 17.78 -23.36
N GLU B 505 21.93 17.56 -22.64
CA GLU B 505 21.98 17.56 -21.18
C GLU B 505 22.84 16.43 -20.65
N SER B 506 22.78 15.26 -21.28
CA SER B 506 23.62 14.14 -20.84
C SER B 506 25.09 14.42 -21.10
N ASP B 507 25.41 15.03 -22.25
CA ASP B 507 26.80 15.38 -22.52
C ASP B 507 27.32 16.43 -21.56
N LYS B 508 26.46 17.40 -21.20
CA LYS B 508 26.84 18.38 -20.19
C LYS B 508 27.10 17.73 -18.84
N PHE B 509 26.28 16.73 -18.49
CA PHE B 509 26.41 16.09 -17.19
C PHE B 509 27.67 15.23 -17.12
N VAL B 510 27.93 14.45 -18.16
CA VAL B 510 29.15 13.64 -18.19
C VAL B 510 30.38 14.53 -18.15
N ASP B 511 30.31 15.71 -18.79
CA ASP B 511 31.44 16.63 -18.76
C ASP B 511 31.71 17.12 -17.35
N ARG B 512 30.67 17.59 -16.65
CA ARG B 512 30.86 18.09 -15.29
C ARG B 512 31.34 16.99 -14.35
N CYS B 513 30.95 15.74 -14.62
CA CYS B 513 31.42 14.64 -13.80
C CYS B 513 32.92 14.41 -13.98
N ARG B 514 33.38 14.35 -15.23
CA ARG B 514 34.80 14.15 -15.49
C ARG B 514 35.64 15.33 -15.00
N GLN B 515 35.09 16.54 -15.06
CA GLN B 515 35.80 17.69 -14.51
C GLN B 515 36.04 17.54 -13.03
N ALA B 516 35.16 16.83 -12.33
CA ALA B 516 35.29 16.58 -10.89
C ALA B 516 36.20 15.40 -10.59
N GLY B 517 36.73 14.72 -11.60
CA GLY B 517 37.55 13.56 -11.37
C GLY B 517 36.80 12.25 -11.30
N MET B 518 35.51 12.25 -11.64
CA MET B 518 34.72 11.03 -11.64
C MET B 518 34.76 10.36 -13.00
N ALA B 519 34.37 9.09 -13.01
CA ALA B 519 34.12 8.37 -14.25
C ALA B 519 32.66 8.57 -14.65
N ALA B 520 32.43 8.90 -15.91
CA ALA B 520 31.08 9.10 -16.40
C ALA B 520 31.03 8.83 -17.90
N GLN B 521 29.87 8.35 -18.34
CA GLN B 521 29.61 8.07 -19.74
C GLN B 521 28.11 7.86 -19.88
N ARG B 522 27.60 8.15 -21.07
CA ARG B 522 26.23 7.80 -21.40
C ARG B 522 26.27 6.41 -22.01
N LEU B 523 25.68 5.45 -21.29
CA LEU B 523 25.69 4.08 -21.77
C LEU B 523 24.99 4.02 -23.12
N HIS B 524 25.72 3.51 -24.12
CA HIS B 524 25.18 3.29 -25.45
C HIS B 524 25.72 1.97 -25.93
N GLY B 525 24.84 1.05 -26.27
CA GLY B 525 25.26 -0.31 -26.57
C GLY B 525 25.57 -1.07 -25.30
N CYS B 526 25.55 -2.40 -25.42
CA CYS B 526 25.72 -3.26 -24.26
C CYS B 526 27.17 -3.26 -23.78
N GLN B 527 27.33 -3.50 -22.47
CA GLN B 527 28.63 -3.43 -21.83
C GLN B 527 28.68 -4.44 -20.69
N THR B 528 29.85 -5.05 -20.51
CA THR B 528 30.12 -5.90 -19.35
C THR B 528 31.23 -5.25 -18.53
N MET B 529 30.92 -4.94 -17.27
CA MET B 529 31.87 -4.27 -16.38
C MET B 529 32.14 -5.12 -15.15
N LEU B 530 33.41 -5.11 -14.72
CA LEU B 530 33.83 -5.73 -13.48
C LEU B 530 34.14 -4.66 -12.45
N LEU B 531 33.83 -4.96 -11.19
CA LEU B 531 34.03 -4.00 -10.10
C LEU B 531 34.27 -4.72 -8.79
#